data_6OGM
#
_entry.id   6OGM
#
_cell.length_a   39.628
_cell.length_b   81.570
_cell.length_c   96.231
_cell.angle_alpha   90.00
_cell.angle_beta   95.65
_cell.angle_gamma   90.00
#
_symmetry.space_group_name_H-M   'P 1 21 1'
#
loop_
_entity.id
_entity.type
_entity.pdbx_description
1 polymer '4-oxalocrotonate tautomerase'
2 polymer '4-oxalocrotonate tautomerase'
3 non-polymer GLYCEROL
4 water water
#
loop_
_entity_poly.entity_id
_entity_poly.type
_entity_poly.pdbx_seq_one_letter_code
_entity_poly.pdbx_strand_id
1 'polypeptide(L)' (FMT)MPVIVAILIAGRTDEQKRALIAALSETSASVLDAPLQATRVMIKDIPNTDFGIGGQTARALGR A,E,F,G,K,L
2 'polypeptide(L)' PTLEVFLPAGHDDARKAELIARLTGATVDSIGAPIESVRVLLTELPATHIGLGGRSAADGAPPSL B,C,D,H,I,J
#
# COMPACT_ATOMS: atom_id res chain seq x y z
N MET A 2 -11.90 -17.01 18.42
CA MET A 2 -12.41 -16.61 17.12
C MET A 2 -12.49 -15.08 17.06
N PRO A 3 -12.46 -14.49 15.86
CA PRO A 3 -12.28 -15.18 14.58
C PRO A 3 -10.84 -15.59 14.30
N VAL A 4 -10.69 -16.51 13.37
CA VAL A 4 -9.38 -16.87 12.80
C VAL A 4 -9.39 -16.32 11.37
N ILE A 5 -8.43 -15.48 11.04
CA ILE A 5 -8.33 -14.93 9.70
C ILE A 5 -7.07 -15.46 9.04
N VAL A 6 -7.24 -16.14 7.91
CA VAL A 6 -6.12 -16.49 7.02
C VAL A 6 -6.05 -15.42 5.94
N ALA A 7 -4.90 -14.77 5.83
CA ALA A 7 -4.72 -13.66 4.89
C ALA A 7 -3.65 -14.05 3.89
N ILE A 8 -4.03 -14.22 2.63
CA ILE A 8 -3.10 -14.62 1.58
C ILE A 8 -2.73 -13.40 0.77
N LEU A 9 -1.41 -13.10 0.76
CA LEU A 9 -0.84 -11.92 0.14
C LEU A 9 0.19 -12.32 -0.91
N ILE A 10 0.28 -11.52 -1.99
CA ILE A 10 1.39 -11.68 -2.91
C ILE A 10 2.66 -11.31 -2.17
N ALA A 11 3.70 -12.14 -2.34
CA ALA A 11 4.96 -11.93 -1.63
C ALA A 11 5.53 -10.54 -1.89
N GLY A 12 6.30 -10.05 -0.92
CA GLY A 12 7.05 -8.81 -1.07
C GLY A 12 6.70 -7.74 -0.06
N ARG A 13 5.72 -7.93 0.81
CA ARG A 13 5.42 -6.93 1.83
C ARG A 13 6.49 -6.96 2.93
N THR A 14 6.63 -5.84 3.64
CA THR A 14 7.61 -5.79 4.71
C THR A 14 7.09 -6.47 5.97
N ASP A 15 8.02 -6.86 6.84
CA ASP A 15 7.63 -7.35 8.16
C ASP A 15 6.78 -6.31 8.89
N GLU A 16 7.12 -5.03 8.73
CA GLU A 16 6.33 -3.98 9.37
C GLU A 16 4.91 -3.93 8.81
N GLN A 17 4.74 -4.11 7.49
CA GLN A 17 3.39 -4.14 6.92
C GLN A 17 2.59 -5.32 7.43
N LYS A 18 3.26 -6.45 7.62
CA LYS A 18 2.56 -7.65 8.10
C LYS A 18 2.13 -7.47 9.53
N ARG A 19 2.99 -6.87 10.35
CA ARG A 19 2.60 -6.63 11.73
C ARG A 19 1.44 -5.64 11.78
N ALA A 20 1.49 -4.60 10.95
CA ALA A 20 0.38 -3.65 10.93
C ALA A 20 -0.91 -4.34 10.50
N LEU A 21 -0.82 -5.25 9.53
CA LEU A 21 -2.01 -5.96 9.08
C LEU A 21 -2.57 -6.84 10.17
N ILE A 22 -1.69 -7.53 10.91
CA ILE A 22 -2.17 -8.36 12.02
C ILE A 22 -2.89 -7.50 13.05
N ALA A 23 -2.29 -6.37 13.43
CA ALA A 23 -2.93 -5.47 14.39
C ALA A 23 -4.29 -4.97 13.87
N ALA A 24 -4.36 -4.54 12.61
CA ALA A 24 -5.56 -3.88 12.11
C ALA A 24 -6.70 -4.87 11.91
N LEU A 25 -6.41 -6.05 11.34
CA LEU A 25 -7.47 -7.04 11.15
C LEU A 25 -7.97 -7.54 12.50
N SER A 26 -7.09 -7.69 13.48
CA SER A 26 -7.52 -8.24 14.75
C SER A 26 -8.38 -7.24 15.51
N GLU A 27 -7.90 -6.00 15.63
CA GLU A 27 -8.67 -4.98 16.34
C GLU A 27 -9.99 -4.70 15.65
N THR A 28 -9.99 -4.72 14.31
CA THR A 28 -11.22 -4.43 13.58
C THR A 28 -12.24 -5.54 13.75
N SER A 29 -11.80 -6.80 13.69
CA SER A 29 -12.71 -7.91 13.95
C SER A 29 -13.29 -7.81 15.35
N ALA A 30 -12.44 -7.54 16.34
CA ALA A 30 -12.90 -7.45 17.72
C ALA A 30 -13.89 -6.32 17.89
N SER A 31 -13.61 -5.17 17.24
CA SER A 31 -14.49 -4.01 17.37
C SER A 31 -15.85 -4.26 16.72
N VAL A 32 -15.85 -4.77 15.48
CA VAL A 32 -17.10 -4.94 14.74
C VAL A 32 -17.97 -6.02 15.37
N LEU A 33 -17.35 -7.12 15.84
CA LEU A 33 -18.10 -8.25 16.35
C LEU A 33 -18.37 -8.14 17.84
N ASP A 34 -17.88 -7.10 18.50
CA ASP A 34 -17.96 -6.98 19.95
C ASP A 34 -17.47 -8.25 20.63
N ALA A 35 -16.27 -8.68 20.28
CA ALA A 35 -15.65 -9.90 20.74
C ALA A 35 -14.28 -9.59 21.32
N PRO A 36 -13.75 -10.46 22.20
CA PRO A 36 -12.48 -10.13 22.87
C PRO A 36 -11.30 -10.21 21.90
N LEU A 37 -10.49 -9.15 21.92
CA LEU A 37 -9.33 -9.05 21.04
C LEU A 37 -8.37 -10.20 21.24
N GLN A 38 -8.21 -10.64 22.49
CA GLN A 38 -7.19 -11.62 22.83
C GLN A 38 -7.40 -12.95 22.12
N ALA A 39 -8.65 -13.31 21.84
CA ALA A 39 -8.95 -14.59 21.21
C ALA A 39 -8.74 -14.59 19.69
N THR A 40 -8.55 -13.43 19.06
CA THR A 40 -8.39 -13.37 17.62
C THR A 40 -7.09 -14.02 17.17
N ARG A 41 -7.11 -14.57 15.96
CA ARG A 41 -5.92 -15.16 15.36
C ARG A 41 -5.82 -14.70 13.92
N VAL A 42 -4.61 -14.34 13.50
CA VAL A 42 -4.37 -14.05 12.10
C VAL A 42 -3.18 -14.89 11.64
N MET A 43 -3.29 -15.45 10.44
CA MET A 43 -2.25 -16.25 9.84
C MET A 43 -2.02 -15.73 8.43
N ILE A 44 -0.79 -15.28 8.14
CA ILE A 44 -0.48 -14.72 6.83
C ILE A 44 0.23 -15.76 5.98
N LYS A 45 -0.21 -15.90 4.72
CA LYS A 45 0.47 -16.75 3.75
C LYS A 45 0.95 -15.88 2.60
N ASP A 46 2.23 -15.93 2.30
CA ASP A 46 2.79 -15.23 1.17
C ASP A 46 2.76 -16.18 -0.01
N ILE A 47 2.46 -15.62 -1.15
CA ILE A 47 2.45 -16.36 -2.34
C ILE A 47 3.23 -15.57 -3.41
N PRO A 48 4.16 -16.21 -4.08
CA PRO A 48 4.95 -15.53 -5.10
C PRO A 48 4.10 -15.11 -6.27
N ASN A 49 4.56 -14.08 -6.97
CA ASN A 49 3.88 -13.61 -8.13
C ASN A 49 3.81 -14.60 -9.26
N THR A 50 4.69 -15.58 -9.26
CA THR A 50 4.62 -16.65 -10.23
C THR A 50 3.54 -17.67 -9.90
N ASP A 51 2.99 -17.63 -8.66
CA ASP A 51 2.05 -18.61 -8.15
C ASP A 51 0.64 -18.03 -7.98
N PHE A 52 0.40 -16.83 -8.46
CA PHE A 52 -0.90 -16.19 -8.31
C PHE A 52 -1.38 -15.77 -9.68
N GLY A 53 -2.60 -16.16 -10.02
CA GLY A 53 -3.17 -15.85 -11.33
C GLY A 53 -4.46 -15.06 -11.19
N ILE A 54 -4.65 -14.10 -12.08
CA ILE A 54 -5.92 -13.41 -12.21
C ILE A 54 -6.29 -13.41 -13.69
N GLY A 55 -7.49 -13.90 -14.01
CA GLY A 55 -7.89 -13.97 -15.39
C GLY A 55 -7.00 -14.82 -16.25
N GLY A 56 -6.35 -15.83 -15.66
CA GLY A 56 -5.50 -16.75 -16.39
C GLY A 56 -4.06 -16.31 -16.56
N GLN A 57 -3.71 -15.10 -16.15
CA GLN A 57 -2.35 -14.59 -16.25
C GLN A 57 -1.74 -14.52 -14.85
N THR A 58 -0.45 -14.79 -14.77
CA THR A 58 0.20 -14.67 -13.47
C THR A 58 0.40 -13.21 -13.08
N ALA A 59 0.43 -12.97 -11.78
CA ALA A 59 0.76 -11.65 -11.27
C ALA A 59 2.07 -11.15 -11.82
N ARG A 60 3.04 -12.05 -12.05
CA ARG A 60 4.30 -11.65 -12.66
C ARG A 60 4.08 -11.16 -14.09
N ALA A 61 3.35 -11.94 -14.89
CA ALA A 61 3.01 -11.48 -16.23
C ALA A 61 2.25 -10.16 -16.15
N LEU A 62 1.50 -9.98 -15.06
CA LEU A 62 0.73 -8.78 -14.64
C LEU A 62 -0.62 -8.73 -15.34
N PRO B 1 -14.62 -16.59 -8.91
CA PRO B 1 -14.16 -17.86 -8.36
C PRO B 1 -12.69 -17.80 -7.89
N THR B 2 -12.41 -18.36 -6.72
CA THR B 2 -11.06 -18.41 -6.17
C THR B 2 -10.69 -19.87 -6.00
N LEU B 3 -9.63 -20.31 -6.69
CA LEU B 3 -9.09 -21.67 -6.56
C LEU B 3 -7.82 -21.61 -5.73
N GLU B 4 -7.80 -22.34 -4.62
CA GLU B 4 -6.57 -22.59 -3.89
C GLU B 4 -6.08 -23.99 -4.26
N VAL B 5 -4.91 -24.06 -4.87
CA VAL B 5 -4.33 -25.32 -5.36
C VAL B 5 -3.15 -25.67 -4.49
N PHE B 6 -3.25 -26.79 -3.76
CA PHE B 6 -2.13 -27.32 -3.01
C PHE B 6 -1.41 -28.32 -3.91
N LEU B 7 -0.13 -28.09 -4.16
CA LEU B 7 0.63 -28.96 -5.04
C LEU B 7 2.06 -29.07 -4.52
N PRO B 8 2.76 -30.13 -4.87
CA PRO B 8 4.13 -30.28 -4.41
C PRO B 8 5.07 -29.28 -5.05
N ALA B 9 6.13 -28.95 -4.32
CA ALA B 9 7.23 -28.22 -4.90
C ALA B 9 7.87 -29.03 -6.03
N GLY B 10 8.56 -28.33 -6.92
CA GLY B 10 9.28 -28.98 -7.99
C GLY B 10 8.85 -28.61 -9.39
N HIS B 11 7.80 -27.81 -9.58
CA HIS B 11 7.38 -27.41 -10.91
C HIS B 11 7.97 -26.06 -11.26
N ASP B 12 8.42 -25.90 -12.50
CA ASP B 12 9.05 -24.64 -12.85
C ASP B 12 7.98 -23.58 -13.09
N ASP B 13 8.44 -22.35 -13.26
CA ASP B 13 7.50 -21.23 -13.39
C ASP B 13 6.66 -21.36 -14.64
N ALA B 14 7.23 -21.88 -15.72
CA ALA B 14 6.44 -22.07 -16.94
C ALA B 14 5.31 -23.05 -16.70
N ARG B 15 5.56 -24.10 -15.92
CA ARG B 15 4.51 -25.08 -15.64
C ARG B 15 3.42 -24.49 -14.76
N LYS B 16 3.81 -23.70 -13.76
CA LYS B 16 2.81 -23.02 -12.94
C LYS B 16 1.98 -22.04 -13.77
N ALA B 17 2.60 -21.35 -14.72
CA ALA B 17 1.81 -20.43 -15.54
C ALA B 17 0.83 -21.19 -16.43
N GLU B 18 1.25 -22.34 -16.96
CA GLU B 18 0.35 -23.18 -17.75
C GLU B 18 -0.80 -23.68 -16.89
N LEU B 19 -0.51 -24.11 -15.67
CA LEU B 19 -1.57 -24.62 -14.80
C LEU B 19 -2.59 -23.53 -14.47
N ILE B 20 -2.11 -22.30 -14.20
CA ILE B 20 -3.02 -21.20 -13.91
C ILE B 20 -3.88 -20.89 -15.12
N ALA B 21 -3.28 -20.87 -16.32
CA ALA B 21 -4.05 -20.60 -17.53
C ALA B 21 -5.10 -21.66 -17.76
N ARG B 22 -4.74 -22.93 -17.60
CA ARG B 22 -5.63 -24.02 -17.96
C ARG B 22 -6.71 -24.25 -16.89
N LEU B 23 -6.38 -24.10 -15.61
CA LEU B 23 -7.42 -24.16 -14.59
C LEU B 23 -8.40 -23.02 -14.76
N THR B 24 -7.91 -21.84 -15.18
CA THR B 24 -8.82 -20.71 -15.40
C THR B 24 -9.76 -21.01 -16.56
N GLY B 25 -9.21 -21.51 -17.66
CA GLY B 25 -10.04 -21.94 -18.78
C GLY B 25 -11.05 -23.00 -18.39
N ALA B 26 -10.62 -24.00 -17.61
CA ALA B 26 -11.52 -25.05 -17.16
C ALA B 26 -12.67 -24.48 -16.33
N THR B 27 -12.39 -23.43 -15.56
CA THR B 27 -13.43 -22.80 -14.76
C THR B 27 -14.40 -22.02 -15.63
N VAL B 28 -13.89 -21.23 -16.57
CA VAL B 28 -14.78 -20.49 -17.45
C VAL B 28 -15.68 -21.45 -18.23
N ASP B 29 -15.11 -22.53 -18.75
CA ASP B 29 -15.86 -23.44 -19.62
C ASP B 29 -16.94 -24.19 -18.85
N SER B 30 -16.67 -24.53 -17.59
CA SER B 30 -17.56 -25.44 -16.87
C SER B 30 -18.68 -24.73 -16.13
N ILE B 31 -18.45 -23.51 -15.63
CA ILE B 31 -19.51 -22.80 -14.91
C ILE B 31 -19.83 -21.44 -15.52
N GLY B 32 -19.15 -21.06 -16.60
CA GLY B 32 -19.45 -19.79 -17.25
C GLY B 32 -19.03 -18.53 -16.50
N ALA B 33 -18.08 -18.63 -15.59
CA ALA B 33 -17.64 -17.42 -14.91
C ALA B 33 -16.86 -16.53 -15.88
N PRO B 34 -17.02 -15.22 -15.79
CA PRO B 34 -16.15 -14.33 -16.58
C PRO B 34 -14.70 -14.55 -16.18
N ILE B 35 -13.82 -14.56 -17.19
CA ILE B 35 -12.43 -14.93 -16.95
C ILE B 35 -11.79 -14.00 -15.92
N GLU B 36 -12.15 -12.73 -15.94
CA GLU B 36 -11.53 -11.74 -15.06
C GLU B 36 -11.86 -11.97 -13.59
N SER B 37 -12.91 -12.71 -13.27
CA SER B 37 -13.27 -13.03 -11.89
C SER B 37 -12.56 -14.27 -11.36
N VAL B 38 -11.80 -14.97 -12.18
CA VAL B 38 -11.20 -16.25 -11.76
C VAL B 38 -9.81 -15.98 -11.21
N ARG B 39 -9.59 -16.32 -9.94
CA ARG B 39 -8.30 -16.15 -9.30
C ARG B 39 -7.77 -17.51 -8.89
N VAL B 40 -6.49 -17.75 -9.15
CA VAL B 40 -5.85 -19.03 -8.83
C VAL B 40 -4.70 -18.76 -7.88
N LEU B 41 -4.75 -19.40 -6.69
CA LEU B 41 -3.68 -19.31 -5.69
C LEU B 41 -2.98 -20.67 -5.58
N LEU B 42 -1.76 -20.77 -6.10
CA LEU B 42 -1.00 -22.00 -5.97
C LEU B 42 -0.29 -22.00 -4.63
N THR B 43 -0.52 -23.03 -3.83
CA THR B 43 0.13 -23.18 -2.52
C THR B 43 1.10 -24.34 -2.61
N GLU B 44 2.38 -24.02 -2.80
CA GLU B 44 3.41 -25.03 -2.99
C GLU B 44 3.91 -25.55 -1.65
N LEU B 45 3.93 -26.87 -1.49
CA LEU B 45 4.30 -27.52 -0.26
C LEU B 45 5.52 -28.40 -0.49
N PRO B 46 6.50 -28.36 0.41
CA PRO B 46 7.57 -29.36 0.36
C PRO B 46 7.01 -30.74 0.64
N ALA B 47 7.73 -31.75 0.12
CA ALA B 47 7.28 -33.13 0.26
C ALA B 47 7.10 -33.52 1.73
N THR B 48 7.90 -32.93 2.63
CA THR B 48 7.79 -33.19 4.07
C THR B 48 6.49 -32.63 4.66
N HIS B 49 5.76 -31.80 3.92
CA HIS B 49 4.52 -31.18 4.40
C HIS B 49 3.28 -31.80 3.79
N ILE B 50 3.43 -32.90 3.06
CA ILE B 50 2.31 -33.49 2.33
C ILE B 50 2.09 -34.89 2.89
N GLY B 51 0.94 -35.09 3.53
CA GLY B 51 0.59 -36.38 4.08
C GLY B 51 -0.52 -37.01 3.29
N LEU B 52 -0.26 -38.21 2.76
CA LEU B 52 -1.23 -38.99 1.99
C LEU B 52 -1.29 -40.36 2.63
N GLY B 53 -2.46 -40.71 3.18
CA GLY B 53 -2.60 -42.00 3.83
C GLY B 53 -1.73 -42.18 5.05
N GLY B 54 -1.50 -41.11 5.80
CA GLY B 54 -0.65 -41.17 6.97
C GLY B 54 0.84 -41.15 6.68
N ARG B 55 1.23 -41.25 5.41
CA ARG B 55 2.64 -41.25 5.03
C ARG B 55 3.01 -39.89 4.46
N SER B 56 4.21 -39.42 4.80
CA SER B 56 4.69 -38.19 4.21
C SER B 56 5.21 -38.46 2.80
N ALA B 57 4.97 -37.52 1.89
CA ALA B 57 5.51 -37.63 0.54
C ALA B 57 7.04 -37.68 0.53
N ALA B 58 7.69 -37.31 1.63
CA ALA B 58 9.13 -37.49 1.77
C ALA B 58 9.46 -38.79 2.51
N PRO C 1 -5.29 -9.02 -2.00
CA PRO C 1 -5.38 -9.83 -0.78
C PRO C 1 -6.64 -10.68 -0.72
N THR C 2 -6.49 -11.93 -0.28
CA THR C 2 -7.61 -12.83 -0.08
C THR C 2 -7.66 -13.18 1.40
N LEU C 3 -8.73 -12.74 2.08
CA LEU C 3 -8.89 -12.94 3.50
C LEU C 3 -9.98 -13.97 3.70
N GLU C 4 -9.68 -15.08 4.37
CA GLU C 4 -10.71 -16.03 4.77
C GLU C 4 -10.93 -15.89 6.26
N VAL C 5 -12.15 -15.52 6.64
CA VAL C 5 -12.49 -15.20 8.01
C VAL C 5 -13.38 -16.32 8.53
N PHE C 6 -12.85 -17.13 9.44
CA PHE C 6 -13.64 -18.16 10.09
C PHE C 6 -14.28 -17.54 11.33
N LEU C 7 -15.60 -17.64 11.42
CA LEU C 7 -16.30 -17.02 12.53
C LEU C 7 -17.51 -17.88 12.84
N PRO C 8 -18.00 -17.85 14.08
CA PRO C 8 -19.20 -18.61 14.42
C PRO C 8 -20.39 -18.19 13.59
N ALA C 9 -21.26 -19.16 13.30
CA ALA C 9 -22.49 -18.88 12.59
C ALA C 9 -23.39 -17.98 13.43
N GLY C 10 -24.28 -17.25 12.75
CA GLY C 10 -25.34 -16.54 13.43
C GLY C 10 -25.28 -15.03 13.40
N HIS C 11 -24.26 -14.43 12.78
CA HIS C 11 -24.26 -12.99 12.62
C HIS C 11 -25.22 -12.60 11.52
N ASP C 12 -25.94 -11.50 11.70
CA ASP C 12 -26.91 -11.12 10.68
C ASP C 12 -26.21 -10.49 9.47
N ASP C 13 -26.97 -10.36 8.39
CA ASP C 13 -26.38 -9.86 7.14
C ASP C 13 -25.82 -8.45 7.31
N ALA C 14 -26.44 -7.62 8.14
CA ALA C 14 -25.92 -6.26 8.36
C ALA C 14 -24.53 -6.30 9.00
N ARG C 15 -24.34 -7.13 10.03
CA ARG C 15 -23.03 -7.21 10.66
C ARG C 15 -22.00 -7.74 9.68
N LYS C 16 -22.40 -8.68 8.82
CA LYS C 16 -21.46 -9.23 7.85
C LYS C 16 -21.03 -8.19 6.85
N ALA C 17 -21.95 -7.30 6.45
CA ALA C 17 -21.58 -6.25 5.51
C ALA C 17 -20.63 -5.26 6.17
N GLU C 18 -20.88 -4.92 7.44
CA GLU C 18 -19.96 -4.04 8.18
C GLU C 18 -18.59 -4.67 8.33
N LEU C 19 -18.54 -5.95 8.71
CA LEU C 19 -17.24 -6.63 8.84
C LEU C 19 -16.48 -6.62 7.52
N ILE C 20 -17.17 -6.93 6.42
CA ILE C 20 -16.49 -6.97 5.12
C ILE C 20 -15.93 -5.60 4.76
N ALA C 21 -16.74 -4.55 4.95
CA ALA C 21 -16.22 -3.21 4.65
C ALA C 21 -15.07 -2.83 5.56
N ARG C 22 -15.20 -3.09 6.87
CA ARG C 22 -14.19 -2.64 7.82
C ARG C 22 -12.88 -3.44 7.70
N LEU C 23 -12.96 -4.75 7.45
CA LEU C 23 -11.72 -5.50 7.26
C LEU C 23 -11.04 -5.10 5.97
N THR C 24 -11.82 -4.74 4.96
CA THR C 24 -11.22 -4.25 3.72
C THR C 24 -10.52 -2.91 3.94
N GLY C 25 -11.16 -1.99 4.65
CA GLY C 25 -10.48 -0.75 5.02
C GLY C 25 -9.21 -0.99 5.82
N ALA C 26 -9.27 -1.95 6.77
CA ALA C 26 -8.10 -2.25 7.58
C ALA C 26 -6.94 -2.79 6.74
N THR C 27 -7.26 -3.54 5.68
CA THR C 27 -6.22 -4.09 4.81
C THR C 27 -5.57 -2.98 4.01
N VAL C 28 -6.39 -2.08 3.46
CA VAL C 28 -5.87 -0.95 2.70
C VAL C 28 -5.03 -0.05 3.60
N ASP C 29 -5.47 0.15 4.84
CA ASP C 29 -4.74 1.02 5.77
C ASP C 29 -3.39 0.45 6.15
N SER C 30 -3.29 -0.89 6.19
CA SER C 30 -2.09 -1.56 6.67
C SER C 30 -1.06 -1.74 5.57
N ILE C 31 -1.48 -2.18 4.38
CA ILE C 31 -0.54 -2.59 3.35
C ILE C 31 -0.76 -1.84 2.04
N GLY C 32 -1.76 -0.97 1.95
CA GLY C 32 -1.95 -0.17 0.76
C GLY C 32 -2.32 -0.91 -0.50
N ALA C 33 -3.00 -2.05 -0.39
CA ALA C 33 -3.35 -2.78 -1.59
C ALA C 33 -4.44 -2.02 -2.36
N PRO C 34 -4.46 -2.12 -3.69
CA PRO C 34 -5.62 -1.58 -4.43
C PRO C 34 -6.89 -2.22 -3.91
N ILE C 35 -7.85 -1.38 -3.55
CA ILE C 35 -8.97 -1.88 -2.75
C ILE C 35 -9.74 -2.94 -3.53
N GLU C 36 -9.86 -2.79 -4.86
CA GLU C 36 -10.59 -3.73 -5.68
C GLU C 36 -9.96 -5.12 -5.68
N SER C 37 -8.68 -5.21 -5.29
CA SER C 37 -7.98 -6.48 -5.18
C SER C 37 -8.19 -7.17 -3.84
N VAL C 38 -8.88 -6.54 -2.91
CA VAL C 38 -9.08 -7.11 -1.58
C VAL C 38 -10.39 -7.90 -1.57
N ARG C 39 -10.29 -9.21 -1.37
CA ARG C 39 -11.44 -10.09 -1.39
C ARG C 39 -11.58 -10.72 -0.02
N VAL C 40 -12.78 -10.68 0.54
CA VAL C 40 -13.03 -11.17 1.89
C VAL C 40 -14.05 -12.29 1.78
N LEU C 41 -13.71 -13.45 2.33
CA LEU C 41 -14.58 -14.63 2.31
C LEU C 41 -14.91 -14.94 3.76
N LEU C 42 -16.16 -14.74 4.15
CA LEU C 42 -16.60 -15.14 5.48
C LEU C 42 -16.95 -16.62 5.45
N THR C 43 -16.37 -17.40 6.37
CA THR C 43 -16.66 -18.84 6.47
C THR C 43 -17.34 -19.08 7.81
N GLU C 44 -18.67 -19.16 7.80
CA GLU C 44 -19.43 -19.31 9.04
C GLU C 44 -19.44 -20.77 9.47
N LEU C 45 -19.19 -21.00 10.76
CA LEU C 45 -19.08 -22.33 11.31
C LEU C 45 -20.07 -22.53 12.44
N PRO C 46 -20.84 -23.62 12.45
CA PRO C 46 -21.65 -23.95 13.62
C PRO C 46 -20.76 -24.18 14.82
N ALA C 47 -21.32 -23.97 16.01
CA ALA C 47 -20.56 -24.11 17.25
C ALA C 47 -20.01 -25.51 17.43
N THR C 48 -20.73 -26.54 16.96
CA THR C 48 -20.23 -27.90 17.02
C THR C 48 -19.02 -28.11 16.12
N HIS C 49 -18.69 -27.13 15.27
CA HIS C 49 -17.56 -27.26 14.34
C HIS C 49 -16.35 -26.48 14.80
N ILE C 50 -16.42 -25.84 15.96
CA ILE C 50 -15.35 -24.97 16.43
C ILE C 50 -14.72 -25.62 17.65
N GLY C 51 -13.44 -25.96 17.52
CA GLY C 51 -12.69 -26.54 18.62
C GLY C 51 -11.69 -25.53 19.15
N LEU C 52 -11.79 -25.27 20.46
CA LEU C 52 -10.87 -24.36 21.14
C LEU C 52 -10.28 -25.10 22.31
N GLY C 53 -9.00 -25.46 22.20
CA GLY C 53 -8.35 -26.21 23.25
C GLY C 53 -8.89 -27.60 23.46
N GLY C 54 -9.29 -28.28 22.38
CA GLY C 54 -9.81 -29.61 22.49
C GLY C 54 -11.28 -29.70 22.83
N ARG C 55 -11.93 -28.56 23.05
CA ARG C 55 -13.33 -28.52 23.44
C ARG C 55 -14.13 -27.84 22.34
N SER C 56 -15.30 -28.40 22.04
CA SER C 56 -16.16 -27.77 21.05
C SER C 56 -16.82 -26.53 21.65
N ALA C 57 -17.14 -25.57 20.78
CA ALA C 57 -17.84 -24.37 21.23
C ALA C 57 -19.21 -24.72 21.78
N ALA C 58 -19.80 -25.81 21.32
CA ALA C 58 -21.10 -26.27 21.77
C ALA C 58 -20.98 -27.05 23.08
N PRO D 1 -11.00 -37.15 4.16
CA PRO D 1 -10.89 -35.89 4.89
C PRO D 1 -9.57 -35.20 4.57
N THR D 2 -9.59 -33.86 4.53
CA THR D 2 -8.42 -33.05 4.23
C THR D 2 -8.16 -32.13 5.41
N LEU D 3 -6.96 -32.20 5.97
CA LEU D 3 -6.58 -31.38 7.10
C LEU D 3 -5.51 -30.40 6.64
N GLU D 4 -5.78 -29.10 6.75
CA GLU D 4 -4.73 -28.09 6.63
C GLU D 4 -4.29 -27.73 8.04
N VAL D 5 -3.01 -27.95 8.34
CA VAL D 5 -2.46 -27.70 9.65
C VAL D 5 -1.52 -26.50 9.55
N PHE D 6 -1.89 -25.41 10.23
CA PHE D 6 -1.07 -24.21 10.34
C PHE D 6 -0.16 -24.30 11.55
N LEU D 7 1.15 -24.36 11.32
CA LEU D 7 2.16 -24.50 12.35
C LEU D 7 3.14 -23.34 12.31
N PRO D 8 3.66 -22.90 13.45
CA PRO D 8 4.81 -22.00 13.42
C PRO D 8 6.04 -22.79 13.06
N ALA D 9 6.96 -22.14 12.35
CA ALA D 9 8.22 -22.78 12.02
C ALA D 9 8.97 -23.16 13.28
N GLY D 10 9.96 -24.03 13.13
CA GLY D 10 10.77 -24.48 14.25
C GLY D 10 10.61 -25.94 14.60
N HIS D 11 9.71 -26.66 13.95
CA HIS D 11 9.57 -28.11 14.15
C HIS D 11 10.27 -28.84 13.00
N ASP D 12 10.96 -29.92 13.34
CA ASP D 12 11.79 -30.64 12.38
C ASP D 12 10.96 -31.62 11.54
N ASP D 13 11.63 -32.22 10.55
CA ASP D 13 10.97 -33.19 9.68
C ASP D 13 10.35 -34.33 10.46
N ALA D 14 11.10 -34.87 11.43
CA ALA D 14 10.64 -36.05 12.15
C ALA D 14 9.41 -35.72 12.99
N ARG D 15 9.37 -34.52 13.55
CA ARG D 15 8.18 -34.08 14.27
C ARG D 15 7.01 -33.87 13.31
N LYS D 16 7.29 -33.36 12.11
CA LYS D 16 6.21 -33.15 11.15
C LYS D 16 5.69 -34.48 10.62
N ALA D 17 6.59 -35.45 10.40
CA ALA D 17 6.16 -36.77 9.97
C ALA D 17 5.29 -37.43 11.04
N GLU D 18 5.66 -37.27 12.31
CA GLU D 18 4.85 -37.85 13.38
C GLU D 18 3.47 -37.20 13.43
N LEU D 19 3.42 -35.88 13.19
CA LEU D 19 2.16 -35.17 13.17
C LEU D 19 1.26 -35.67 12.06
N ILE D 20 1.82 -35.82 10.85
CA ILE D 20 1.04 -36.33 9.72
C ILE D 20 0.49 -37.71 10.04
N ALA D 21 1.35 -38.57 10.60
CA ALA D 21 0.94 -39.94 10.92
C ALA D 21 -0.12 -39.94 12.01
N ARG D 22 0.13 -39.18 13.09
CA ARG D 22 -0.76 -39.24 14.24
C ARG D 22 -2.06 -38.46 14.01
N LEU D 23 -2.03 -37.40 13.20
CA LEU D 23 -3.29 -36.76 12.85
C LEU D 23 -4.13 -37.66 11.94
N THR D 24 -3.46 -38.38 11.03
CA THR D 24 -4.19 -39.30 10.17
C THR D 24 -4.87 -40.41 10.97
N GLY D 25 -4.18 -40.96 11.96
CA GLY D 25 -4.78 -41.96 12.82
C GLY D 25 -5.89 -41.39 13.70
N ALA D 26 -5.66 -40.21 14.28
CA ALA D 26 -6.72 -39.60 15.06
C ALA D 26 -7.97 -39.34 14.22
N THR D 27 -7.81 -39.20 12.90
CA THR D 27 -8.94 -38.98 12.01
C THR D 27 -9.63 -40.30 11.67
N VAL D 28 -8.83 -41.35 11.50
CA VAL D 28 -9.37 -42.68 11.24
C VAL D 28 -10.14 -43.20 12.45
N ASP D 29 -9.63 -42.93 13.66
CA ASP D 29 -10.28 -43.41 14.86
C ASP D 29 -11.46 -42.56 15.31
N SER D 30 -11.51 -41.28 14.91
CA SER D 30 -12.56 -40.38 15.36
C SER D 30 -13.79 -40.42 14.47
N ILE D 31 -13.61 -40.53 13.15
CA ILE D 31 -14.73 -40.45 12.23
C ILE D 31 -14.80 -41.66 11.32
N GLY D 32 -13.94 -42.66 11.53
CA GLY D 32 -14.01 -43.88 10.75
C GLY D 32 -13.63 -43.71 9.30
N ALA D 33 -12.76 -42.75 9.00
CA ALA D 33 -12.35 -42.51 7.62
C ALA D 33 -11.36 -43.59 7.17
N PRO D 34 -11.55 -44.17 5.98
CA PRO D 34 -10.50 -45.06 5.44
C PRO D 34 -9.18 -44.32 5.29
N ILE D 35 -8.10 -44.96 5.76
CA ILE D 35 -6.87 -44.19 5.99
C ILE D 35 -6.28 -43.64 4.70
N GLU D 36 -6.45 -44.34 3.58
CA GLU D 36 -5.89 -43.78 2.34
C GLU D 36 -6.67 -42.58 1.84
N SER D 37 -7.74 -42.17 2.52
CA SER D 37 -8.50 -40.99 2.16
C SER D 37 -8.19 -39.77 3.02
N VAL D 38 -7.27 -39.89 3.97
CA VAL D 38 -6.92 -38.78 4.85
C VAL D 38 -5.73 -38.02 4.26
N ARG D 39 -5.94 -36.76 3.89
CA ARG D 39 -4.86 -35.90 3.42
C ARG D 39 -4.50 -34.93 4.53
N VAL D 40 -3.19 -34.71 4.71
CA VAL D 40 -2.73 -33.76 5.71
C VAL D 40 -1.75 -32.83 5.03
N LEU D 41 -2.08 -31.53 5.01
CA LEU D 41 -1.27 -30.52 4.36
C LEU D 41 -0.75 -29.56 5.42
N LEU D 42 0.56 -29.52 5.61
CA LEU D 42 1.17 -28.71 6.66
C LEU D 42 1.60 -27.35 6.09
N THR D 43 1.09 -26.27 6.69
CA THR D 43 1.46 -24.91 6.32
C THR D 43 2.31 -24.32 7.44
N GLU D 44 3.59 -24.15 7.17
CA GLU D 44 4.54 -23.62 8.14
C GLU D 44 4.59 -22.10 8.01
N LEU D 45 4.40 -21.40 9.14
CA LEU D 45 4.36 -19.95 9.16
C LEU D 45 5.55 -19.40 9.92
N PRO D 46 6.26 -18.42 9.38
CA PRO D 46 7.25 -17.70 10.20
C PRO D 46 6.56 -16.92 11.31
N ALA D 47 7.34 -16.58 12.32
CA ALA D 47 6.79 -15.85 13.47
C ALA D 47 6.21 -14.52 13.08
N THR D 48 6.76 -13.88 12.05
CA THR D 48 6.24 -12.60 11.55
C THR D 48 4.89 -12.73 10.87
N HIS D 49 4.44 -13.96 10.58
CA HIS D 49 3.16 -14.21 9.93
C HIS D 49 2.07 -14.68 10.88
N ILE D 50 2.32 -14.67 12.18
CA ILE D 50 1.39 -15.26 13.14
C ILE D 50 0.96 -14.15 14.08
N GLY D 51 -0.35 -13.92 14.16
CA GLY D 51 -0.91 -12.92 15.06
C GLY D 51 -1.76 -13.62 16.10
N LEU D 52 -1.52 -13.26 17.36
CA LEU D 52 -2.28 -13.79 18.49
C LEU D 52 -2.77 -12.58 19.27
N GLY D 53 -4.08 -12.35 19.26
CA GLY D 53 -4.63 -11.19 19.93
C GLY D 53 -4.13 -9.86 19.40
N GLY D 54 -3.94 -9.77 18.08
CA GLY D 54 -3.46 -8.56 17.45
C GLY D 54 -1.97 -8.31 17.53
N ARG D 55 -1.21 -9.20 18.17
CA ARG D 55 0.23 -9.04 18.34
C ARG D 55 0.94 -10.08 17.50
N SER D 56 2.08 -9.70 16.92
CA SER D 56 2.85 -10.66 16.15
C SER D 56 3.59 -11.62 17.07
N ALA D 57 3.63 -12.90 16.68
CA ALA D 57 4.48 -13.85 17.40
C ALA D 57 5.94 -13.44 17.36
N ALA D 58 6.35 -12.68 16.34
CA ALA D 58 7.72 -12.20 16.27
C ALA D 58 8.04 -11.25 17.42
N ASP D 59 7.07 -10.45 17.84
CA ASP D 59 7.29 -9.60 18.99
C ASP D 59 7.20 -10.35 20.31
N GLY D 60 6.88 -11.65 20.26
CA GLY D 60 6.83 -12.49 21.44
C GLY D 60 5.45 -12.51 22.08
N ALA D 61 4.39 -12.46 21.27
CA ALA D 61 3.01 -12.41 21.76
C ALA D 61 2.71 -13.44 22.84
N MET E 2 -2.31 -35.66 -4.44
CA MET E 2 -2.12 -34.30 -4.89
C MET E 2 -2.47 -34.23 -6.37
N PRO E 3 -2.94 -33.07 -6.85
CA PRO E 3 -3.20 -31.85 -6.07
C PRO E 3 -4.52 -31.91 -5.31
N VAL E 4 -4.66 -30.99 -4.36
CA VAL E 4 -5.91 -30.72 -3.67
C VAL E 4 -6.35 -29.31 -4.04
N ILE E 5 -7.56 -29.18 -4.58
CA ILE E 5 -8.06 -27.88 -5.02
C ILE E 5 -9.27 -27.50 -4.19
N VAL E 6 -9.19 -26.37 -3.51
CA VAL E 6 -10.34 -25.76 -2.86
C VAL E 6 -10.89 -24.71 -3.82
N ALA E 7 -12.13 -24.87 -4.23
CA ALA E 7 -12.77 -23.95 -5.17
C ALA E 7 -13.85 -23.17 -4.43
N ILE E 8 -13.63 -21.88 -4.24
CA ILE E 8 -14.60 -21.01 -3.58
C ILE E 8 -15.47 -20.35 -4.63
N LEU E 9 -16.79 -20.58 -4.53
CA LEU E 9 -17.77 -20.13 -5.50
C LEU E 9 -18.90 -19.42 -4.78
N ILE E 10 -19.38 -18.33 -5.37
CA ILE E 10 -20.62 -17.75 -4.89
C ILE E 10 -21.73 -18.78 -5.08
N ALA E 11 -22.51 -18.98 -4.03
CA ALA E 11 -23.63 -19.92 -4.04
C ALA E 11 -24.54 -19.67 -5.25
N GLY E 12 -25.20 -20.73 -5.71
CA GLY E 12 -26.15 -20.60 -6.79
C GLY E 12 -25.95 -21.53 -7.99
N ARG E 13 -24.76 -22.11 -8.12
CA ARG E 13 -24.48 -23.01 -9.23
C ARG E 13 -25.28 -24.31 -9.12
N THR E 14 -25.64 -24.89 -10.26
CA THR E 14 -26.37 -26.15 -10.27
C THR E 14 -25.43 -27.31 -9.90
N ASP E 15 -26.05 -28.44 -9.50
CA ASP E 15 -25.26 -29.64 -9.22
C ASP E 15 -24.49 -30.12 -10.44
N GLU E 16 -25.13 -30.03 -11.62
CA GLU E 16 -24.46 -30.40 -12.86
C GLU E 16 -23.27 -29.50 -13.15
N GLN E 17 -23.41 -28.21 -12.87
CA GLN E 17 -22.28 -27.30 -13.05
C GLN E 17 -21.13 -27.66 -12.12
N LYS E 18 -21.44 -28.04 -10.88
CA LYS E 18 -20.40 -28.46 -9.95
C LYS E 18 -19.70 -29.73 -10.43
N ARG E 19 -20.47 -30.74 -10.90
CA ARG E 19 -19.85 -31.92 -11.50
C ARG E 19 -18.90 -31.55 -12.63
N ALA E 20 -19.32 -30.64 -13.51
CA ALA E 20 -18.48 -30.26 -14.63
C ALA E 20 -17.20 -29.60 -14.13
N LEU E 21 -17.34 -28.66 -13.19
CA LEU E 21 -16.17 -28.00 -12.62
C LEU E 21 -15.22 -29.01 -12.00
N ILE E 22 -15.74 -29.94 -11.19
CA ILE E 22 -14.90 -30.92 -10.51
C ILE E 22 -14.17 -31.79 -11.53
N ALA E 23 -14.89 -32.25 -12.54
CA ALA E 23 -14.24 -33.05 -13.60
C ALA E 23 -13.17 -32.25 -14.31
N ALA E 24 -13.49 -31.01 -14.71
CA ALA E 24 -12.57 -30.20 -15.50
C ALA E 24 -11.31 -29.84 -14.71
N LEU E 25 -11.46 -29.44 -13.44
CA LEU E 25 -10.28 -29.06 -12.67
C LEU E 25 -9.40 -30.27 -12.37
N SER E 26 -10.03 -31.42 -12.08
CA SER E 26 -9.25 -32.63 -11.78
C SER E 26 -8.48 -33.10 -12.98
N GLU E 27 -9.15 -33.22 -14.13
CA GLU E 27 -8.49 -33.66 -15.36
C GLU E 27 -7.43 -32.67 -15.81
N THR E 28 -7.71 -31.36 -15.69
CA THR E 28 -6.70 -30.38 -16.09
C THR E 28 -5.48 -30.47 -15.18
N SER E 29 -5.71 -30.54 -13.86
CA SER E 29 -4.59 -30.61 -12.93
C SER E 29 -3.77 -31.87 -13.13
N ALA E 30 -4.43 -33.01 -13.36
CA ALA E 30 -3.70 -34.27 -13.53
C ALA E 30 -2.83 -34.23 -14.77
N SER E 31 -3.35 -33.70 -15.88
CA SER E 31 -2.59 -33.68 -17.11
C SER E 31 -1.39 -32.73 -17.01
N VAL E 32 -1.61 -31.51 -16.52
CA VAL E 32 -0.54 -30.51 -16.48
C VAL E 32 0.55 -30.91 -15.50
N LEU E 33 0.20 -31.55 -14.38
CA LEU E 33 1.16 -31.86 -13.34
C LEU E 33 1.63 -33.31 -13.38
N ASP E 34 1.22 -34.08 -14.37
CA ASP E 34 1.69 -35.46 -14.55
C ASP E 34 1.42 -36.29 -13.28
N ALA E 35 0.23 -36.12 -12.72
CA ALA E 35 -0.21 -36.83 -11.54
C ALA E 35 -1.36 -37.77 -11.89
N PRO E 36 -1.54 -38.85 -11.15
CA PRO E 36 -2.68 -39.72 -11.42
C PRO E 36 -3.98 -38.99 -11.14
N LEU E 37 -4.96 -39.23 -12.00
CA LEU E 37 -6.27 -38.60 -11.83
C LEU E 37 -6.94 -39.04 -10.53
N GLN E 38 -6.78 -40.31 -10.16
CA GLN E 38 -7.49 -40.83 -9.00
C GLN E 38 -7.03 -40.19 -7.70
N ALA E 39 -5.84 -39.60 -7.66
CA ALA E 39 -5.36 -38.95 -6.46
C ALA E 39 -5.87 -37.52 -6.28
N THR E 40 -6.40 -36.90 -7.34
CA THR E 40 -6.81 -35.51 -7.22
C THR E 40 -7.99 -35.37 -6.26
N ARG E 41 -8.07 -34.21 -5.62
CA ARG E 41 -9.19 -33.89 -4.77
C ARG E 41 -9.61 -32.46 -5.07
N VAL E 42 -10.92 -32.26 -5.17
CA VAL E 42 -11.49 -30.94 -5.34
C VAL E 42 -12.56 -30.78 -4.29
N MET E 43 -12.53 -29.66 -3.59
CA MET E 43 -13.53 -29.34 -2.59
C MET E 43 -14.12 -27.99 -2.93
N ILE E 44 -15.42 -27.95 -3.19
CA ILE E 44 -16.11 -26.72 -3.51
C ILE E 44 -16.69 -26.13 -2.24
N LYS E 45 -16.42 -24.86 -1.99
CA LYS E 45 -17.01 -24.12 -0.88
C LYS E 45 -17.99 -23.11 -1.46
N ASP E 46 -19.29 -23.38 -1.31
CA ASP E 46 -20.33 -22.42 -1.69
C ASP E 46 -20.41 -21.33 -0.64
N ILE E 47 -20.31 -20.07 -1.07
CA ILE E 47 -20.35 -18.93 -0.16
C ILE E 47 -21.50 -18.02 -0.57
N PRO E 48 -22.44 -17.72 0.33
CA PRO E 48 -23.57 -16.86 -0.05
C PRO E 48 -23.08 -15.48 -0.44
N ASN E 49 -23.88 -14.78 -1.25
CA ASN E 49 -23.44 -13.46 -1.71
C ASN E 49 -23.36 -12.44 -0.58
N THR E 50 -23.93 -12.74 0.58
CA THR E 50 -23.81 -11.89 1.76
C THR E 50 -22.49 -12.08 2.49
N ASP E 51 -21.73 -13.13 2.17
CA ASP E 51 -20.56 -13.52 2.93
C ASP E 51 -19.26 -13.31 2.16
N PHE E 52 -19.32 -12.76 0.94
CA PHE E 52 -18.17 -12.55 0.09
C PHE E 52 -18.11 -11.08 -0.30
N GLY E 53 -16.94 -10.48 -0.17
CA GLY E 53 -16.77 -9.08 -0.51
C GLY E 53 -15.64 -8.87 -1.48
N ILE E 54 -15.82 -7.89 -2.36
CA ILE E 54 -14.78 -7.46 -3.29
C ILE E 54 -14.66 -5.96 -3.13
N GLY E 55 -13.47 -5.48 -2.77
CA GLY E 55 -13.29 -4.07 -2.51
C GLY E 55 -14.20 -3.53 -1.44
N GLY E 56 -14.52 -4.34 -0.43
CA GLY E 56 -15.33 -3.89 0.68
C GLY E 56 -16.82 -3.96 0.44
N GLN E 57 -17.25 -4.38 -0.74
CA GLN E 57 -18.66 -4.49 -1.06
C GLN E 57 -19.04 -5.96 -1.19
N THR E 58 -20.19 -6.32 -0.63
CA THR E 58 -20.63 -7.70 -0.74
C THR E 58 -20.99 -8.04 -2.18
N ALA E 59 -20.83 -9.31 -2.52
CA ALA E 59 -21.26 -9.78 -3.85
C ALA E 59 -22.72 -9.44 -4.09
N ARG E 60 -23.55 -9.50 -3.04
CA ARG E 60 -24.96 -9.14 -3.22
C ARG E 60 -25.08 -7.69 -3.64
N ALA E 61 -24.41 -6.79 -2.92
CA ALA E 61 -24.45 -5.37 -3.23
C ALA E 61 -24.01 -5.09 -4.66
N LEU E 62 -23.07 -5.87 -5.17
CA LEU E 62 -22.61 -5.72 -6.55
C LEU E 62 -23.50 -6.46 -7.56
N GLY E 63 -24.67 -6.92 -7.12
CA GLY E 63 -25.59 -7.60 -8.03
C GLY E 63 -25.20 -9.02 -8.31
N ARG E 64 -24.54 -9.69 -7.36
CA ARG E 64 -24.05 -11.04 -7.53
C ARG E 64 -23.00 -11.11 -8.63
N MET F 2 -1.38 -21.31 18.71
CA MET F 2 -1.03 -22.32 17.71
C MET F 2 -1.10 -23.73 18.31
N PRO F 3 -1.26 -24.76 17.46
CA PRO F 3 -1.60 -24.82 16.02
C PRO F 3 -3.08 -24.61 15.66
N VAL F 4 -3.34 -24.37 14.37
CA VAL F 4 -4.69 -24.19 13.83
C VAL F 4 -4.92 -25.22 12.73
N ILE F 5 -5.99 -26.00 12.86
CA ILE F 5 -6.28 -27.07 11.91
C ILE F 5 -7.66 -26.84 11.32
N VAL F 6 -7.71 -26.81 9.99
CA VAL F 6 -8.97 -26.83 9.25
C VAL F 6 -9.20 -28.24 8.75
N ALA F 7 -10.30 -28.85 9.17
CA ALA F 7 -10.61 -30.23 8.78
C ALA F 7 -11.79 -30.18 7.82
N ILE F 8 -11.55 -30.53 6.57
CA ILE F 8 -12.57 -30.51 5.53
C ILE F 8 -13.13 -31.93 5.42
N LEU F 9 -14.41 -32.09 5.77
CA LEU F 9 -15.09 -33.37 5.81
C LEU F 9 -16.27 -33.40 4.85
N ILE F 10 -16.54 -34.58 4.29
CA ILE F 10 -17.83 -34.79 3.62
C ILE F 10 -18.93 -34.70 4.67
N ALA F 11 -20.02 -34.01 4.34
CA ALA F 11 -21.15 -33.93 5.25
C ALA F 11 -21.61 -35.33 5.63
N GLY F 12 -22.18 -35.45 6.83
CA GLY F 12 -22.70 -36.73 7.27
C GLY F 12 -22.22 -37.26 8.61
N ARG F 13 -21.05 -36.81 9.08
CA ARG F 13 -20.61 -37.29 10.39
C ARG F 13 -21.49 -36.74 11.50
N THR F 14 -21.63 -37.53 12.55
CA THR F 14 -22.48 -37.17 13.69
C THR F 14 -21.81 -36.10 14.55
N ASP F 15 -22.63 -35.44 15.38
CA ASP F 15 -22.09 -34.45 16.31
C ASP F 15 -21.06 -35.07 17.24
N GLU F 16 -21.27 -36.32 17.63
CA GLU F 16 -20.33 -36.96 18.54
C GLU F 16 -19.05 -37.38 17.83
N GLN F 17 -19.15 -37.79 16.56
CA GLN F 17 -17.93 -37.98 15.78
C GLN F 17 -17.17 -36.67 15.64
N LYS F 18 -17.89 -35.57 15.46
CA LYS F 18 -17.23 -34.28 15.29
C LYS F 18 -16.56 -33.83 16.58
N ARG F 19 -17.22 -34.06 17.73
CA ARG F 19 -16.58 -33.71 19.00
C ARG F 19 -15.37 -34.60 19.25
N ALA F 20 -15.47 -35.89 18.93
CA ALA F 20 -14.33 -36.79 19.10
C ALA F 20 -13.16 -36.35 18.24
N LEU F 21 -13.45 -35.88 17.01
CA LEU F 21 -12.38 -35.44 16.11
C LEU F 21 -11.69 -34.20 16.64
N ILE F 22 -12.47 -33.21 17.09
CA ILE F 22 -11.86 -32.01 17.68
C ILE F 22 -10.96 -32.41 18.84
N ALA F 23 -11.44 -33.30 19.70
CA ALA F 23 -10.64 -33.72 20.84
C ALA F 23 -9.38 -34.44 20.38
N ALA F 24 -9.55 -35.48 19.55
CA ALA F 24 -8.42 -36.31 19.17
C ALA F 24 -7.37 -35.51 18.39
N LEU F 25 -7.82 -34.60 17.51
CA LEU F 25 -6.86 -33.82 16.74
C LEU F 25 -6.12 -32.82 17.63
N SER F 26 -6.78 -32.27 18.63
CA SER F 26 -6.12 -31.32 19.52
C SER F 26 -5.08 -32.02 20.40
N GLU F 27 -5.46 -33.10 21.09
CA GLU F 27 -4.51 -33.78 21.96
C GLU F 27 -3.28 -34.19 21.19
N THR F 28 -3.48 -34.69 19.97
CA THR F 28 -2.37 -35.18 19.17
C THR F 28 -1.40 -34.06 18.83
N SER F 29 -1.91 -32.98 18.29
CA SER F 29 -1.04 -31.90 17.94
C SER F 29 -0.28 -31.41 19.17
N ALA F 30 -0.96 -31.26 20.29
CA ALA F 30 -0.34 -30.81 21.55
C ALA F 30 0.75 -31.75 21.97
N SER F 31 0.48 -33.01 21.83
CA SER F 31 1.45 -34.00 22.28
C SER F 31 2.70 -33.99 21.40
N VAL F 32 2.50 -34.10 20.08
CA VAL F 32 3.63 -34.15 19.15
C VAL F 32 4.48 -32.89 19.26
N LEU F 33 3.84 -31.73 19.21
CA LEU F 33 4.54 -30.46 19.12
C LEU F 33 4.92 -29.89 20.48
N ASP F 34 4.54 -30.54 21.58
CA ASP F 34 4.67 -30.00 22.93
C ASP F 34 3.89 -28.71 23.12
N ALA F 35 3.01 -28.38 22.19
CA ALA F 35 2.26 -27.15 22.27
C ALA F 35 1.23 -27.23 23.40
N PRO F 36 0.99 -26.12 24.09
CA PRO F 36 -0.10 -26.10 25.08
C PRO F 36 -1.42 -26.49 24.44
N LEU F 37 -2.15 -27.39 25.11
CA LEU F 37 -3.45 -27.81 24.59
C LEU F 37 -4.38 -26.61 24.43
N GLN F 38 -4.38 -25.70 25.40
CA GLN F 38 -5.38 -24.63 25.45
C GLN F 38 -5.27 -23.65 24.29
N ALA F 39 -4.18 -23.70 23.52
CA ALA F 39 -4.01 -22.77 22.40
C ALA F 39 -4.36 -23.38 21.04
N THR F 40 -4.62 -24.69 20.97
CA THR F 40 -4.86 -25.38 19.71
C THR F 40 -6.28 -25.15 19.21
N ARG F 41 -6.41 -24.76 17.94
CA ARG F 41 -7.69 -24.50 17.30
C ARG F 41 -8.00 -25.56 16.24
N VAL F 42 -9.20 -26.10 16.27
CA VAL F 42 -9.69 -27.00 15.24
C VAL F 42 -10.97 -26.42 14.68
N MET F 43 -11.08 -26.41 13.34
CA MET F 43 -12.25 -25.89 12.67
C MET F 43 -12.70 -26.87 11.60
N ILE F 44 -13.95 -27.34 11.72
CA ILE F 44 -14.52 -28.34 10.83
C ILE F 44 -15.33 -27.64 9.75
N LYS F 45 -15.00 -27.89 8.50
CA LYS F 45 -15.78 -27.43 7.37
C LYS F 45 -16.46 -28.64 6.73
N ASP F 46 -17.80 -28.72 6.87
CA ASP F 46 -18.59 -29.77 6.25
C ASP F 46 -18.83 -29.46 4.78
N ILE F 47 -18.61 -30.45 3.91
CA ILE F 47 -18.77 -30.32 2.47
C ILE F 47 -19.88 -31.27 2.04
N PRO F 48 -20.95 -30.78 1.37
CA PRO F 48 -21.94 -31.72 0.83
C PRO F 48 -21.34 -32.61 -0.26
N ASN F 49 -21.95 -33.77 -0.45
CA ASN F 49 -21.39 -34.74 -1.39
C ASN F 49 -21.36 -34.22 -2.82
N THR F 50 -22.22 -33.25 -3.15
CA THR F 50 -22.20 -32.59 -4.46
C THR F 50 -20.99 -31.69 -4.65
N ASP F 51 -20.34 -31.29 -3.56
CA ASP F 51 -19.26 -30.31 -3.61
C ASP F 51 -17.88 -30.95 -3.41
N PHE F 52 -17.81 -32.27 -3.30
CA PHE F 52 -16.57 -32.98 -2.95
C PHE F 52 -16.19 -33.89 -4.11
N GLY F 53 -15.01 -33.64 -4.70
CA GLY F 53 -14.54 -34.41 -5.83
C GLY F 53 -13.45 -35.38 -5.44
N ILE F 54 -13.64 -36.64 -5.82
CA ILE F 54 -12.63 -37.69 -5.65
C ILE F 54 -12.26 -38.17 -7.04
N GLY F 55 -11.02 -37.92 -7.45
CA GLY F 55 -10.57 -38.41 -8.75
C GLY F 55 -11.36 -37.88 -9.94
N GLY F 56 -11.93 -36.68 -9.83
CA GLY F 56 -12.69 -36.11 -10.91
C GLY F 56 -14.17 -36.40 -10.86
N GLN F 57 -14.63 -37.22 -9.92
CA GLN F 57 -16.04 -37.54 -9.79
C GLN F 57 -16.55 -37.06 -8.44
N THR F 58 -17.79 -36.57 -8.41
CA THR F 58 -18.33 -36.10 -7.13
C THR F 58 -18.61 -37.28 -6.22
N ALA F 59 -18.53 -37.02 -4.91
CA ALA F 59 -18.87 -38.03 -3.94
C ALA F 59 -20.31 -38.53 -4.12
N ARG F 60 -21.22 -37.67 -4.58
CA ARG F 60 -22.60 -38.13 -4.79
C ARG F 60 -22.67 -39.07 -6.00
N ALA F 61 -21.88 -38.80 -7.05
CA ALA F 61 -21.80 -39.74 -8.17
C ALA F 61 -21.22 -41.07 -7.72
N LEU F 62 -20.57 -41.09 -6.55
CA LEU F 62 -19.99 -42.24 -5.88
C LEU F 62 -18.78 -42.71 -6.67
N GLY F 63 -17.80 -41.83 -6.78
CA GLY F 63 -16.53 -42.13 -7.40
C GLY F 63 -15.47 -41.46 -6.56
N MET G 2 14.26 37.25 1.39
CA MET G 2 14.78 35.93 1.69
C MET G 2 15.10 35.89 3.18
N PRO G 3 14.95 34.72 3.82
CA PRO G 3 14.54 33.44 3.24
C PRO G 3 13.02 33.34 3.01
N VAL G 4 12.64 32.33 2.24
CA VAL G 4 11.25 31.96 2.02
C VAL G 4 11.10 30.53 2.51
N ILE G 5 10.17 30.29 3.43
CA ILE G 5 10.04 29.00 4.07
C ILE G 5 8.66 28.44 3.71
N VAL G 6 8.64 27.22 3.19
CA VAL G 6 7.40 26.48 3.01
C VAL G 6 7.32 25.45 4.12
N ALA G 7 6.26 25.52 4.92
CA ALA G 7 6.06 24.65 6.06
C ALA G 7 4.86 23.76 5.73
N ILE G 8 5.10 22.47 5.52
CA ILE G 8 4.02 21.54 5.23
C ILE G 8 3.65 20.82 6.50
N LEU G 9 2.39 20.96 6.91
CA LEU G 9 1.89 20.41 8.17
C LEU G 9 0.75 19.47 7.89
N ILE G 10 0.64 18.42 8.70
CA ILE G 10 -0.60 17.65 8.71
C ILE G 10 -1.71 18.56 9.23
N ALA G 11 -2.86 18.53 8.55
CA ALA G 11 -3.97 19.41 8.88
C ALA G 11 -4.44 19.19 10.32
N GLY G 12 -5.06 20.24 10.88
CA GLY G 12 -5.62 20.19 12.21
C GLY G 12 -5.00 21.13 13.21
N ARG G 13 -3.90 21.82 12.88
CA ARG G 13 -3.38 22.80 13.84
C ARG G 13 -4.34 23.99 13.94
N THR G 14 -4.30 24.67 15.08
CA THR G 14 -5.15 25.83 15.27
C THR G 14 -4.59 27.03 14.51
N ASP G 15 -5.46 28.04 14.32
CA ASP G 15 -4.98 29.29 13.74
C ASP G 15 -3.92 29.94 14.61
N GLU G 16 -4.03 29.79 15.93
CA GLU G 16 -3.02 30.38 16.81
C GLU G 16 -1.70 29.62 16.73
N GLN G 17 -1.75 28.30 16.56
CA GLN G 17 -0.50 27.55 16.38
C GLN G 17 0.18 27.94 15.08
N LYS G 18 -0.62 28.14 14.02
CA LYS G 18 -0.04 28.58 12.75
C LYS G 18 0.59 29.96 12.89
N ARG G 19 -0.10 30.90 13.53
CA ARG G 19 0.46 32.25 13.68
C ARG G 19 1.75 32.20 14.50
N ALA G 20 1.77 31.39 15.56
CA ALA G 20 2.99 31.23 16.34
C ALA G 20 4.12 30.62 15.50
N LEU G 21 3.77 29.65 14.64
CA LEU G 21 4.80 29.04 13.79
C LEU G 21 5.35 30.04 12.79
N ILE G 22 4.48 30.86 12.19
CA ILE G 22 4.94 31.89 11.26
C ILE G 22 5.91 32.85 11.96
N ALA G 23 5.54 33.29 13.15
CA ALA G 23 6.40 34.23 13.88
C ALA G 23 7.73 33.57 14.25
N ALA G 24 7.67 32.35 14.79
CA ALA G 24 8.89 31.69 15.25
C ALA G 24 9.84 31.41 14.10
N LEU G 25 9.31 30.90 12.98
CA LEU G 25 10.14 30.59 11.82
C LEU G 25 10.74 31.86 11.22
N SER G 26 9.94 32.92 11.16
CA SER G 26 10.44 34.17 10.56
C SER G 26 11.52 34.77 11.43
N GLU G 27 11.28 34.85 12.73
CA GLU G 27 12.28 35.46 13.62
C GLU G 27 13.54 34.62 13.68
N THR G 28 13.41 33.28 13.76
CA THR G 28 14.58 32.44 13.87
C THR G 28 15.43 32.50 12.60
N SER G 29 14.81 32.39 11.43
CA SER G 29 15.60 32.40 10.20
C SER G 29 16.25 33.77 9.99
N ALA G 30 15.51 34.85 10.30
CA ALA G 30 16.11 36.18 10.22
C ALA G 30 17.30 36.32 11.16
N SER G 31 17.16 35.80 12.38
CA SER G 31 18.22 35.89 13.36
C SER G 31 19.45 35.10 12.92
N VAL G 32 19.25 33.86 12.47
CA VAL G 32 20.38 33.01 12.16
C VAL G 32 21.10 33.49 10.90
N LEU G 33 20.34 33.98 9.92
CA LEU G 33 20.86 34.31 8.61
C LEU G 33 21.23 35.78 8.46
N ASP G 34 21.17 36.56 9.54
CA ASP G 34 21.50 37.99 9.49
C ASP G 34 20.68 38.70 8.41
N ALA G 35 19.38 38.40 8.39
CA ALA G 35 18.51 39.01 7.40
C ALA G 35 17.52 39.95 8.06
N PRO G 36 17.04 40.97 7.36
CA PRO G 36 15.98 41.82 7.91
C PRO G 36 14.69 41.02 8.09
N LEU G 37 14.05 41.21 9.25
CA LEU G 37 12.83 40.48 9.55
C LEU G 37 11.76 40.73 8.49
N GLN G 38 11.66 41.97 7.99
CA GLN G 38 10.56 42.29 7.09
C GLN G 38 10.63 41.53 5.78
N ALA G 39 11.83 41.08 5.39
CA ALA G 39 12.02 40.38 4.12
C ALA G 39 11.51 38.93 4.16
N THR G 40 11.32 38.35 5.33
CA THR G 40 11.04 36.92 5.41
C THR G 40 9.62 36.62 4.91
N ARG G 41 9.46 35.43 4.35
CA ARG G 41 8.16 34.91 3.94
C ARG G 41 8.00 33.49 4.46
N VAL G 42 6.86 33.21 5.06
CA VAL G 42 6.52 31.85 5.48
C VAL G 42 5.20 31.50 4.86
N MET G 43 5.12 30.31 4.27
CA MET G 43 3.89 29.80 3.68
C MET G 43 3.59 28.42 4.24
N ILE G 44 2.42 28.28 4.84
CA ILE G 44 2.00 27.01 5.40
C ILE G 44 1.14 26.28 4.38
N LYS G 45 1.39 24.98 4.23
CA LYS G 45 0.56 24.10 3.44
C LYS G 45 0.00 23.02 4.36
N ASP G 46 -1.32 22.95 4.46
CA ASP G 46 -1.97 21.91 5.23
C ASP G 46 -2.14 20.71 4.33
N ILE G 47 -1.75 19.53 4.80
CA ILE G 47 -1.99 18.27 4.09
C ILE G 47 -2.90 17.41 4.95
N PRO G 48 -4.04 16.94 4.43
CA PRO G 48 -4.89 16.04 5.21
C PRO G 48 -4.14 14.78 5.60
N ASN G 49 -4.58 14.15 6.70
CA ASN G 49 -3.89 12.94 7.13
C ASN G 49 -4.12 11.75 6.19
N THR G 50 -5.07 11.86 5.26
CA THR G 50 -5.26 10.88 4.20
C THR G 50 -4.27 11.05 3.05
N ASP G 51 -3.56 12.17 3.01
CA ASP G 51 -2.70 12.53 1.90
C ASP G 51 -1.23 12.54 2.27
N PHE G 52 -0.88 12.13 3.49
CA PHE G 52 0.51 12.13 3.94
C PHE G 52 0.88 10.72 4.32
N GLY G 53 2.02 10.27 3.81
CA GLY G 53 2.44 8.92 4.09
C GLY G 53 3.80 8.90 4.74
N ILE G 54 3.91 8.09 5.78
CA ILE G 54 5.18 7.84 6.46
C ILE G 54 5.43 6.35 6.38
N GLY G 55 6.50 5.95 5.69
CA GLY G 55 6.85 4.55 5.61
C GLY G 55 5.82 3.69 4.90
N GLY G 56 5.02 4.27 4.01
CA GLY G 56 4.07 3.53 3.22
C GLY G 56 2.65 3.51 3.76
N GLN G 57 2.43 4.01 4.97
CA GLN G 57 1.11 4.12 5.57
C GLN G 57 0.71 5.58 5.69
N THR G 58 -0.59 5.85 5.56
CA THR G 58 -1.06 7.22 5.71
C THR G 58 -0.98 7.66 7.17
N ALA G 59 -0.88 8.99 7.36
CA ALA G 59 -0.96 9.54 8.71
C ALA G 59 -2.27 9.15 9.39
N ARG G 60 -3.38 9.11 8.64
CA ARG G 60 -4.64 8.67 9.25
C ARG G 60 -4.54 7.22 9.73
N ALA G 61 -4.01 6.32 8.89
CA ALA G 61 -3.86 4.93 9.29
C ALA G 61 -2.92 4.81 10.47
N LEU G 62 -1.86 5.63 10.47
CA LEU G 62 -0.92 5.99 11.53
C LEU G 62 0.53 5.97 11.01
N PRO H 1 13.99 9.86 2.03
CA PRO H 1 13.55 10.50 0.80
C PRO H 1 12.16 11.12 0.95
N THR H 2 11.90 12.21 0.25
CA THR H 2 10.63 12.92 0.38
C THR H 2 10.04 13.13 -1.00
N LEU H 3 8.81 12.66 -1.19
CA LEU H 3 8.11 12.74 -2.47
C LEU H 3 6.96 13.72 -2.33
N GLU H 4 6.94 14.74 -3.17
CA GLU H 4 5.76 15.61 -3.28
C GLU H 4 5.10 15.33 -4.62
N VAL H 5 3.86 14.87 -4.56
CA VAL H 5 3.13 14.45 -5.73
C VAL H 5 2.02 15.46 -5.98
N PHE H 6 2.09 16.17 -7.10
CA PHE H 6 1.00 17.05 -7.52
C PHE H 6 0.07 16.25 -8.43
N LEU H 7 -1.19 16.15 -8.05
CA LEU H 7 -2.16 15.38 -8.82
C LEU H 7 -3.51 16.04 -8.70
N PRO H 8 -4.41 15.81 -9.66
CA PRO H 8 -5.73 16.44 -9.62
C PRO H 8 -6.58 15.90 -8.48
N ALA H 9 -7.43 16.79 -7.95
CA ALA H 9 -8.43 16.36 -7.00
C ALA H 9 -9.38 15.36 -7.64
N GLY H 10 -10.08 14.60 -6.81
CA GLY H 10 -11.06 13.63 -7.31
C GLY H 10 -10.75 12.17 -7.06
N HIS H 11 -9.64 11.81 -6.43
CA HIS H 11 -9.33 10.41 -6.16
C HIS H 11 -9.74 10.07 -4.74
N ASP H 12 -10.26 8.85 -4.53
CA ASP H 12 -10.81 8.58 -3.21
C ASP H 12 -9.69 8.23 -2.23
N ASP H 13 -10.03 8.18 -0.94
CA ASP H 13 -9.01 7.94 0.07
C ASP H 13 -8.30 6.60 -0.15
N ALA H 14 -9.04 5.58 -0.57
CA ALA H 14 -8.41 4.29 -0.84
C ALA H 14 -7.37 4.40 -1.94
N ARG H 15 -7.68 5.14 -3.00
CA ARG H 15 -6.74 5.30 -4.10
C ARG H 15 -5.49 6.04 -3.65
N LYS H 16 -5.67 7.03 -2.77
CA LYS H 16 -4.53 7.78 -2.25
C LYS H 16 -3.67 6.89 -1.36
N ALA H 17 -4.28 6.06 -0.52
CA ALA H 17 -3.51 5.15 0.32
C ALA H 17 -2.72 4.15 -0.54
N GLU H 18 -3.33 3.70 -1.64
CA GLU H 18 -2.63 2.82 -2.57
C GLU H 18 -1.45 3.54 -3.23
N LEU H 19 -1.69 4.78 -3.68
CA LEU H 19 -0.60 5.57 -4.29
C LEU H 19 0.54 5.77 -3.30
N ILE H 20 0.22 6.08 -2.04
CA ILE H 20 1.26 6.29 -1.04
C ILE H 20 2.06 5.00 -0.81
N ALA H 21 1.36 3.88 -0.65
CA ALA H 21 2.08 2.65 -0.38
C ALA H 21 2.92 2.22 -1.58
N ARG H 22 2.39 2.33 -2.79
CA ARG H 22 3.11 1.84 -3.96
C ARG H 22 4.26 2.77 -4.36
N LEU H 23 4.09 4.09 -4.21
CA LEU H 23 5.22 4.96 -4.49
C LEU H 23 6.32 4.75 -3.46
N THR H 24 5.95 4.46 -2.22
CA THR H 24 6.95 4.12 -1.22
C THR H 24 7.72 2.86 -1.63
N GLY H 25 7.00 1.80 -2.02
CA GLY H 25 7.67 0.59 -2.47
C GLY H 25 8.55 0.81 -3.69
N ALA H 26 8.10 1.67 -4.62
CA ALA H 26 8.91 1.97 -5.78
C ALA H 26 10.19 2.69 -5.39
N THR H 27 10.12 3.55 -4.38
CA THR H 27 11.31 4.23 -3.92
C THR H 27 12.27 3.26 -3.26
N VAL H 28 11.76 2.41 -2.37
CA VAL H 28 12.60 1.42 -1.70
C VAL H 28 13.27 0.52 -2.73
N ASP H 29 12.48 0.08 -3.72
CA ASP H 29 13.01 -0.91 -4.66
C ASP H 29 14.03 -0.30 -5.61
N SER H 30 13.94 1.00 -5.90
CA SER H 30 14.76 1.70 -6.89
C SER H 30 16.08 2.19 -6.32
N ILE H 31 16.11 2.65 -5.07
CA ILE H 31 17.34 3.20 -4.51
C ILE H 31 17.75 2.55 -3.20
N GLY H 32 17.05 1.51 -2.75
CA GLY H 32 17.45 0.84 -1.53
C GLY H 32 17.27 1.65 -0.27
N ALA H 33 16.33 2.60 -0.27
CA ALA H 33 16.11 3.43 0.92
C ALA H 33 15.41 2.61 2.01
N PRO H 34 15.77 2.81 3.27
CA PRO H 34 14.99 2.20 4.35
C PRO H 34 13.58 2.77 4.34
N ILE H 35 12.60 1.87 4.38
CA ILE H 35 11.22 2.27 4.12
C ILE H 35 10.78 3.35 5.10
N GLU H 36 11.23 3.26 6.36
CA GLU H 36 10.75 4.22 7.36
C GLU H 36 11.30 5.63 7.13
N SER H 37 12.26 5.80 6.23
CA SER H 37 12.72 7.13 5.85
C SER H 37 11.97 7.72 4.67
N VAL H 38 10.96 7.03 4.12
CA VAL H 38 10.32 7.51 2.90
C VAL H 38 9.02 8.20 3.28
N ARG H 39 8.90 9.47 2.91
CA ARG H 39 7.67 10.23 3.16
C ARG H 39 7.07 10.63 1.83
N VAL H 40 5.75 10.62 1.76
CA VAL H 40 5.02 10.94 0.55
C VAL H 40 3.98 12.01 0.89
N LEU H 41 4.01 13.11 0.16
CA LEU H 41 3.11 14.24 0.39
C LEU H 41 2.28 14.39 -0.87
N LEU H 42 1.00 14.06 -0.79
CA LEU H 42 0.11 14.25 -1.93
C LEU H 42 -0.44 15.68 -1.86
N THR H 43 -0.24 16.43 -2.93
CA THR H 43 -0.79 17.78 -3.04
C THR H 43 -1.91 17.74 -4.09
N GLU H 44 -3.15 17.63 -3.63
CA GLU H 44 -4.25 17.55 -4.57
C GLU H 44 -4.62 18.96 -5.01
N LEU H 45 -4.87 19.12 -6.32
CA LEU H 45 -5.11 20.43 -6.90
C LEU H 45 -6.40 20.37 -7.70
N PRO H 46 -7.34 21.30 -7.47
CA PRO H 46 -8.51 21.39 -8.35
C PRO H 46 -8.07 21.58 -9.79
N ALA H 47 -8.98 21.21 -10.72
CA ALA H 47 -8.66 21.28 -12.14
C ALA H 47 -8.36 22.69 -12.61
N THR H 48 -8.97 23.69 -11.96
CA THR H 48 -8.71 25.09 -12.27
C THR H 48 -7.33 25.55 -11.81
N HIS H 49 -6.60 24.73 -11.04
CA HIS H 49 -5.28 25.11 -10.56
C HIS H 49 -4.17 24.44 -11.34
N ILE H 50 -4.49 23.72 -12.40
CA ILE H 50 -3.53 22.92 -13.18
C ILE H 50 -3.43 23.53 -14.56
N GLY H 51 -2.26 24.05 -14.89
CA GLY H 51 -2.05 24.58 -16.23
C GLY H 51 -1.12 23.68 -17.01
N LEU H 52 -1.55 23.21 -18.18
CA LEU H 52 -0.70 22.45 -19.09
C LEU H 52 -0.71 23.15 -20.44
N GLY H 53 0.42 23.71 -20.83
CA GLY H 53 0.50 24.41 -22.09
C GLY H 53 -0.38 25.64 -22.18
N GLY H 54 -0.59 26.33 -21.07
CA GLY H 54 -1.39 27.54 -21.05
C GLY H 54 -2.87 27.30 -20.96
N ARG H 55 -3.32 26.06 -21.01
CA ARG H 55 -4.73 25.71 -20.92
C ARG H 55 -4.99 25.13 -19.54
N SER H 56 -6.04 25.61 -18.89
CA SER H 56 -6.45 25.05 -17.62
C SER H 56 -7.13 23.71 -17.83
N ALA H 57 -6.79 22.73 -16.98
CA ALA H 57 -7.36 21.40 -17.11
C ALA H 57 -8.87 21.40 -16.98
N ALA H 58 -9.46 22.47 -16.46
CA ALA H 58 -10.91 22.59 -16.42
C ALA H 58 -11.43 22.95 -17.80
N PRO I 1 6.35 17.51 10.30
CA PRO I 1 6.45 18.78 9.58
C PRO I 1 7.65 18.80 8.63
N THR I 2 7.45 19.32 7.43
CA THR I 2 8.48 19.38 6.40
C THR I 2 8.69 20.85 6.06
N LEU I 3 9.87 21.38 6.38
CA LEU I 3 10.20 22.76 6.07
C LEU I 3 11.15 22.79 4.88
N GLU I 4 10.78 23.50 3.83
CA GLU I 4 11.71 23.80 2.74
C GLU I 4 12.10 25.26 2.84
N VAL I 5 13.40 25.50 3.01
CA VAL I 5 13.94 26.84 3.20
C VAL I 5 14.69 27.22 1.95
N PHE I 6 14.23 28.26 1.27
CA PHE I 6 14.95 28.88 0.17
C PHE I 6 15.83 29.99 0.71
N LEU I 7 17.13 29.88 0.47
CA LEU I 7 18.06 30.83 1.02
C LEU I 7 19.16 31.05 0.00
N PRO I 8 19.86 32.18 0.08
CA PRO I 8 20.97 32.42 -0.84
C PRO I 8 22.11 31.46 -0.58
N ALA I 9 22.79 31.08 -1.64
CA ALA I 9 23.98 30.26 -1.47
C ALA I 9 25.05 31.06 -0.73
N GLY I 10 26.00 30.34 -0.15
CA GLY I 10 27.18 30.99 0.42
C GLY I 10 27.25 30.98 1.93
N HIS I 11 26.27 30.42 2.62
CA HIS I 11 26.37 30.25 4.06
C HIS I 11 27.22 29.02 4.35
N ASP I 12 28.05 29.11 5.37
CA ASP I 12 28.94 27.99 5.65
C ASP I 12 28.17 26.87 6.32
N ASP I 13 28.79 25.69 6.34
CA ASP I 13 28.09 24.49 6.82
C ASP I 13 27.65 24.65 8.27
N ALA I 14 28.47 25.31 9.09
CA ALA I 14 28.11 25.49 10.50
C ALA I 14 26.86 26.35 10.62
N ARG I 15 26.74 27.39 9.77
CA ARG I 15 25.54 28.24 9.84
C ARG I 15 24.31 27.47 9.37
N LYS I 16 24.48 26.60 8.37
CA LYS I 16 23.37 25.75 7.91
C LYS I 16 22.90 24.81 9.02
N ALA I 17 23.85 24.19 9.71
CA ALA I 17 23.49 23.28 10.81
C ALA I 17 22.76 24.03 11.91
N GLU I 18 23.21 25.24 12.24
CA GLU I 18 22.55 26.07 13.25
C GLU I 18 21.13 26.42 12.84
N LEU I 19 20.95 26.78 11.57
CA LEU I 19 19.63 27.13 11.07
C LEU I 19 18.69 25.92 11.15
N ILE I 20 19.18 24.74 10.77
CA ILE I 20 18.34 23.53 10.84
C ILE I 20 17.96 23.24 12.29
N ALA I 21 18.94 23.34 13.20
CA ALA I 21 18.67 23.08 14.61
C ALA I 21 17.65 24.05 15.17
N ARG I 22 17.77 25.34 14.85
CA ARG I 22 16.93 26.36 15.49
C ARG I 22 15.54 26.43 14.86
N LEU I 23 15.44 26.25 13.54
CA LEU I 23 14.13 26.13 12.92
C LEU I 23 13.39 24.92 13.44
N THR I 24 14.12 23.83 13.71
CA THR I 24 13.47 22.66 14.29
C THR I 24 12.96 22.97 15.69
N GLY I 25 13.78 23.63 16.51
CA GLY I 25 13.33 24.03 17.83
C GLY I 25 12.15 24.99 17.77
N ALA I 26 12.17 25.92 16.81
CA ALA I 26 11.06 26.86 16.65
C ALA I 26 9.77 26.14 16.29
N THR I 27 9.88 25.03 15.56
CA THR I 27 8.70 24.26 15.15
C THR I 27 8.16 23.46 16.32
N VAL I 28 9.05 22.80 17.06
CA VAL I 28 8.62 22.05 18.23
C VAL I 28 7.98 22.99 19.24
N ASP I 29 8.58 24.16 19.45
CA ASP I 29 8.05 25.10 20.43
C ASP I 29 6.66 25.60 20.03
N SER I 30 6.42 25.85 18.75
CA SER I 30 5.23 26.60 18.39
C SER I 30 4.01 25.73 18.07
N ILE I 31 4.20 24.49 17.61
CA ILE I 31 3.05 23.63 17.28
C ILE I 31 3.13 22.29 18.02
N GLY I 32 4.09 22.14 18.92
CA GLY I 32 4.16 20.92 19.72
C GLY I 32 4.41 19.65 18.94
N ALA I 33 5.15 19.73 17.84
CA ALA I 33 5.47 18.54 17.08
C ALA I 33 6.63 17.79 17.74
N PRO I 34 6.64 16.47 17.63
CA PRO I 34 7.82 15.72 18.08
C PRO I 34 9.04 16.07 17.22
N ILE I 35 10.18 16.24 17.89
CA ILE I 35 11.36 16.75 17.20
C ILE I 35 11.76 15.84 16.04
N GLU I 36 11.62 14.53 16.21
CA GLU I 36 12.09 13.66 15.13
C GLU I 36 11.15 13.64 13.93
N SER I 37 9.95 14.18 14.07
CA SER I 37 9.05 14.35 12.93
C SER I 37 9.33 15.61 12.12
N VAL I 38 10.28 16.45 12.56
CA VAL I 38 10.56 17.70 11.87
C VAL I 38 11.73 17.48 10.91
N ARG I 39 11.49 17.73 9.62
CA ARG I 39 12.53 17.61 8.59
C ARG I 39 12.71 18.97 7.92
N VAL I 40 13.97 19.36 7.73
CA VAL I 40 14.34 20.67 7.20
C VAL I 40 15.18 20.48 5.94
N LEU I 41 14.71 21.02 4.83
CA LEU I 41 15.35 20.96 3.51
C LEU I 41 15.84 22.37 3.18
N LEU I 42 17.16 22.56 3.12
CA LEU I 42 17.69 23.86 2.69
C LEU I 42 17.91 23.81 1.18
N THR I 43 17.33 24.76 0.47
CA THR I 43 17.51 24.88 -0.97
C THR I 43 18.30 26.16 -1.21
N GLU I 44 19.62 25.99 -1.42
CA GLU I 44 20.51 27.11 -1.68
C GLU I 44 20.38 27.54 -3.13
N LEU I 45 20.19 28.84 -3.35
CA LEU I 45 20.00 29.39 -4.67
C LEU I 45 21.11 30.38 -4.97
N PRO I 46 21.76 30.27 -6.13
CA PRO I 46 22.65 31.35 -6.55
C PRO I 46 21.85 32.62 -6.75
N ALA I 47 22.55 33.76 -6.68
CA ALA I 47 21.88 35.05 -6.76
C ALA I 47 21.09 35.21 -8.05
N THR I 48 21.60 34.67 -9.16
CA THR I 48 20.90 34.74 -10.43
C THR I 48 19.60 33.94 -10.43
N HIS I 49 19.35 33.13 -9.39
CA HIS I 49 18.13 32.33 -9.30
C HIS I 49 17.11 32.92 -8.35
N ILE I 50 17.37 34.09 -7.78
CA ILE I 50 16.52 34.69 -6.76
C ILE I 50 15.97 35.99 -7.32
N GLY I 51 14.64 36.11 -7.33
CA GLY I 51 14.02 37.36 -7.74
C GLY I 51 13.26 37.98 -6.59
N LEU I 52 13.57 39.23 -6.27
CA LEU I 52 12.90 39.98 -5.20
C LEU I 52 12.26 41.21 -5.83
N GLY I 53 10.94 41.28 -5.79
CA GLY I 53 10.26 42.42 -6.36
C GLY I 53 10.51 42.63 -7.83
N GLY I 54 10.67 41.54 -8.59
CA GLY I 54 10.89 41.63 -10.01
C GLY I 54 12.33 41.79 -10.45
N ARG I 55 13.26 41.88 -9.50
CA ARG I 55 14.68 42.11 -9.77
C ARG I 55 15.48 40.89 -9.35
N SER I 56 16.37 40.44 -10.23
CA SER I 56 17.29 39.39 -9.85
C SER I 56 18.20 39.88 -8.73
N ALA I 57 18.38 39.05 -7.70
CA ALA I 57 19.29 39.41 -6.62
C ALA I 57 20.73 39.50 -7.10
N ALA I 58 21.02 39.07 -8.34
CA ALA I 58 22.36 39.26 -8.89
C ALA I 58 22.70 40.73 -9.00
N ASP I 59 21.71 41.55 -9.40
CA ASP I 59 21.88 42.99 -9.43
C ASP I 59 21.84 43.57 -8.02
N PRO J 1 9.33 23.38 -18.35
CA PRO J 1 9.35 24.11 -17.08
C PRO J 1 8.11 23.84 -16.21
N THR J 2 8.27 23.85 -14.90
CA THR J 2 7.17 23.65 -13.97
C THR J 2 7.17 24.82 -12.99
N LEU J 3 6.09 25.58 -12.98
CA LEU J 3 5.93 26.69 -12.05
C LEU J 3 4.96 26.29 -10.95
N GLU J 4 5.40 26.36 -9.69
CA GLU J 4 4.50 26.31 -8.56
C GLU J 4 4.23 27.73 -8.10
N VAL J 5 2.98 28.15 -8.18
CA VAL J 5 2.60 29.52 -7.85
C VAL J 5 1.81 29.51 -6.57
N PHE J 6 2.38 30.07 -5.51
CA PHE J 6 1.63 30.26 -4.27
C PHE J 6 0.88 31.58 -4.38
N LEU J 7 -0.44 31.53 -4.25
CA LEU J 7 -1.44 32.58 -4.34
C LEU J 7 -2.16 32.76 -3.01
N PRO J 8 -2.51 33.98 -2.63
CA PRO J 8 -3.54 34.14 -1.61
C PRO J 8 -4.87 33.67 -2.18
N ALA J 9 -5.68 33.08 -1.30
CA ALA J 9 -7.05 32.79 -1.65
C ALA J 9 -7.78 34.09 -1.98
N GLY J 10 -8.89 33.98 -2.71
CA GLY J 10 -9.74 35.12 -3.00
C GLY J 10 -9.84 35.50 -4.46
N HIS J 11 -8.96 35.03 -5.34
CA HIS J 11 -9.04 35.39 -6.76
C HIS J 11 -9.96 34.42 -7.50
N ASP J 12 -10.68 34.92 -8.50
CA ASP J 12 -11.69 34.09 -9.14
C ASP J 12 -11.08 33.20 -10.23
N ASP J 13 -11.93 32.32 -10.78
CA ASP J 13 -11.48 31.35 -11.79
C ASP J 13 -10.93 32.04 -13.02
N ALA J 14 -11.57 33.11 -13.48
CA ALA J 14 -11.11 33.79 -14.67
C ALA J 14 -9.71 34.36 -14.48
N ARG J 15 -9.41 34.85 -13.28
CA ARG J 15 -8.07 35.39 -13.02
C ARG J 15 -7.02 34.27 -12.97
N LYS J 16 -7.35 33.17 -12.31
CA LYS J 16 -6.43 32.02 -12.29
C LYS J 16 -6.17 31.51 -13.70
N ALA J 17 -7.21 31.44 -14.53
CA ALA J 17 -7.01 31.05 -15.93
C ALA J 17 -6.09 32.03 -16.65
N GLU J 18 -6.34 33.34 -16.49
CA GLU J 18 -5.45 34.36 -17.05
C GLU J 18 -4.04 34.24 -16.49
N LEU J 19 -3.92 33.99 -15.19
CA LEU J 19 -2.60 33.80 -14.61
C LEU J 19 -1.87 32.63 -15.26
N ILE J 20 -2.55 31.48 -15.41
CA ILE J 20 -1.95 30.32 -16.07
C ILE J 20 -1.55 30.66 -17.50
N ALA J 21 -2.44 31.33 -18.23
CA ALA J 21 -2.17 31.69 -19.61
C ALA J 21 -0.97 32.62 -19.72
N ARG J 22 -0.92 33.68 -18.90
CA ARG J 22 0.08 34.72 -19.08
C ARG J 22 1.44 34.30 -18.51
N LEU J 23 1.46 33.54 -17.41
CA LEU J 23 2.72 33.03 -16.90
C LEU J 23 3.30 32.00 -17.86
N THR J 24 2.44 31.22 -18.52
CA THR J 24 2.93 30.32 -19.55
C THR J 24 3.54 31.11 -20.70
N GLY J 25 2.88 32.19 -21.13
CA GLY J 25 3.42 33.00 -22.22
C GLY J 25 4.67 33.76 -21.81
N ALA J 26 4.71 34.24 -20.57
CA ALA J 26 5.92 34.87 -20.07
C ALA J 26 7.06 33.87 -20.04
N THR J 27 6.77 32.61 -19.70
CA THR J 27 7.79 31.57 -19.69
C THR J 27 8.29 31.28 -21.10
N VAL J 28 7.38 31.08 -22.05
CA VAL J 28 7.77 30.80 -23.42
C VAL J 28 8.65 31.92 -23.96
N ASP J 29 8.22 33.17 -23.76
CA ASP J 29 8.91 34.32 -24.35
C ASP J 29 10.29 34.52 -23.73
N SER J 30 10.41 34.36 -22.41
CA SER J 30 11.64 34.73 -21.73
C SER J 30 12.72 33.67 -21.87
N ILE J 31 12.35 32.38 -21.89
CA ILE J 31 13.38 31.34 -21.96
C ILE J 31 13.22 30.44 -23.18
N GLY J 32 12.28 30.76 -24.07
CA GLY J 32 12.21 30.04 -25.34
C GLY J 32 11.74 28.61 -25.24
N ALA J 33 11.05 28.24 -24.15
CA ALA J 33 10.58 26.88 -24.02
C ALA J 33 9.32 26.67 -24.85
N PRO J 34 9.17 25.50 -25.48
CA PRO J 34 7.92 25.22 -26.21
C PRO J 34 6.75 25.24 -25.25
N ILE J 35 5.60 25.72 -25.74
CA ILE J 35 4.49 26.02 -24.84
C ILE J 35 3.93 24.76 -24.21
N GLU J 36 3.95 23.63 -24.93
CA GLU J 36 3.42 22.39 -24.37
C GLU J 36 4.32 21.82 -23.26
N SER J 37 5.53 22.32 -23.07
CA SER J 37 6.39 21.86 -21.98
C SER J 37 6.24 22.69 -20.71
N VAL J 38 5.39 23.72 -20.71
CA VAL J 38 5.23 24.60 -19.55
C VAL J 38 4.08 24.10 -18.71
N ARG J 39 4.36 23.81 -17.45
CA ARG J 39 3.35 23.41 -16.47
C ARG J 39 3.22 24.50 -15.42
N VAL J 40 1.98 24.84 -15.07
CA VAL J 40 1.70 25.82 -14.03
C VAL J 40 0.79 25.15 -13.00
N LEU J 41 1.23 25.18 -11.74
CA LEU J 41 0.50 24.58 -10.64
C LEU J 41 0.19 25.66 -9.62
N LEU J 42 -1.09 25.95 -9.41
CA LEU J 42 -1.48 27.00 -8.47
C LEU J 42 -1.75 26.40 -7.10
N THR J 43 -1.12 26.99 -6.08
CA THR J 43 -1.27 26.59 -4.67
C THR J 43 -1.91 27.76 -3.92
N GLU J 44 -3.22 27.67 -3.70
CA GLU J 44 -3.96 28.73 -3.02
C GLU J 44 -3.80 28.62 -1.52
N LEU J 45 -3.41 29.72 -0.87
CA LEU J 45 -3.18 29.74 0.56
C LEU J 45 -4.18 30.65 1.25
N PRO J 46 -4.84 30.22 2.31
CA PRO J 46 -5.62 31.16 3.11
C PRO J 46 -4.71 32.17 3.78
N ALA J 47 -5.30 33.31 4.15
CA ALA J 47 -4.54 34.39 4.76
C ALA J 47 -3.88 33.95 6.05
N THR J 48 -4.46 32.98 6.76
CA THR J 48 -3.86 32.50 8.00
C THR J 48 -2.64 31.63 7.75
N HIS J 49 -2.35 31.29 6.50
CA HIS J 49 -1.18 30.49 6.13
C HIS J 49 -0.05 31.31 5.53
N ILE J 50 -0.19 32.64 5.49
CA ILE J 50 0.76 33.49 4.78
C ILE J 50 1.46 34.38 5.82
N GLY J 51 2.78 34.26 5.89
CA GLY J 51 3.55 35.10 6.78
C GLY J 51 4.40 36.10 6.01
N LEU J 52 4.19 37.38 6.29
CA LEU J 52 4.97 38.47 5.70
C LEU J 52 5.67 39.18 6.84
N GLY J 53 7.00 39.08 6.88
CA GLY J 53 7.74 39.75 7.94
C GLY J 53 7.46 39.22 9.34
N GLY J 54 7.05 37.96 9.45
CA GLY J 54 6.71 37.37 10.74
C GLY J 54 5.27 37.54 11.16
N ARG J 55 4.50 38.32 10.43
CA ARG J 55 3.11 38.56 10.77
C ARG J 55 2.19 37.86 9.78
N SER J 56 1.03 37.46 10.29
CA SER J 56 0.06 36.74 9.49
C SER J 56 -0.63 37.68 8.51
N ALA J 57 -0.90 37.18 7.30
CA ALA J 57 -1.66 37.97 6.35
C ALA J 57 -3.08 38.22 6.84
N ALA J 58 -3.59 37.37 7.74
CA ALA J 58 -4.91 37.55 8.34
C ALA J 58 -4.94 38.67 9.38
N ASP J 59 -3.87 39.46 9.45
CA ASP J 59 -3.70 40.42 10.52
C ASP J 59 -3.46 41.83 10.00
N MET K 2 0.86 15.43 -15.66
CA MET K 2 0.09 14.93 -14.53
C MET K 2 0.40 13.45 -14.32
N PRO K 3 0.47 12.91 -13.02
CA PRO K 3 1.03 13.82 -12.06
C PRO K 3 2.47 14.30 -12.25
N VAL K 4 2.85 15.19 -11.37
CA VAL K 4 4.18 15.73 -11.28
C VAL K 4 4.76 15.32 -9.92
N ILE K 5 5.88 14.68 -9.93
CA ILE K 5 6.49 14.27 -8.71
C ILE K 5 7.85 14.84 -8.46
N VAL K 6 7.99 15.57 -7.37
CA VAL K 6 9.30 16.03 -6.94
C VAL K 6 9.81 15.06 -5.88
N ALA K 7 10.95 14.43 -6.14
CA ALA K 7 11.57 13.50 -5.22
C ALA K 7 12.83 14.13 -4.64
N ILE K 8 12.86 14.32 -3.33
CA ILE K 8 14.00 14.93 -2.67
C ILE K 8 14.87 13.82 -2.09
N LEU K 9 16.10 13.72 -2.59
CA LEU K 9 17.03 12.65 -2.24
C LEU K 9 18.28 13.24 -1.65
N ILE K 10 18.79 12.63 -0.57
CA ILE K 10 20.13 12.99 -0.13
C ILE K 10 21.11 12.65 -1.23
N ALA K 11 22.07 13.55 -1.45
CA ALA K 11 23.00 13.42 -2.56
C ALA K 11 23.79 12.12 -2.46
N GLY K 12 24.23 11.62 -3.62
CA GLY K 12 25.13 10.48 -3.68
C GLY K 12 24.60 9.27 -4.44
N ARG K 13 23.35 9.26 -4.90
CA ARG K 13 22.89 8.13 -5.70
C ARG K 13 23.53 8.16 -7.07
N THR K 14 23.58 6.99 -7.72
CA THR K 14 24.16 6.90 -9.05
C THR K 14 23.16 7.41 -10.09
N ASP K 15 23.68 7.76 -11.26
CA ASP K 15 22.80 8.15 -12.36
C ASP K 15 21.84 7.02 -12.70
N GLU K 16 22.30 5.76 -12.65
CA GLU K 16 21.42 4.64 -12.95
C GLU K 16 20.35 4.45 -11.87
N GLN K 17 20.70 4.69 -10.59
CA GLN K 17 19.68 4.61 -9.55
C GLN K 17 18.58 5.65 -9.78
N LYS K 18 18.97 6.85 -10.20
CA LYS K 18 18.01 7.88 -10.52
C LYS K 18 17.18 7.53 -11.73
N ARG K 19 17.79 6.94 -12.75
CA ARG K 19 17.01 6.50 -13.90
C ARG K 19 15.94 5.51 -13.48
N ALA K 20 16.29 4.57 -12.58
CA ALA K 20 15.34 3.54 -12.18
C ALA K 20 14.24 4.11 -11.31
N LEU K 21 14.58 5.07 -10.44
CA LEU K 21 13.58 5.71 -9.60
C LEU K 21 12.58 6.48 -10.45
N ILE K 22 13.08 7.21 -11.45
CA ILE K 22 12.19 7.98 -12.32
C ILE K 22 11.21 7.06 -13.03
N ALA K 23 11.71 5.96 -13.59
CA ALA K 23 10.83 5.00 -14.27
C ALA K 23 9.82 4.39 -13.30
N ALA K 24 10.28 3.98 -12.12
CA ALA K 24 9.41 3.27 -11.19
C ALA K 24 8.33 4.18 -10.61
N LEU K 25 8.70 5.41 -10.21
CA LEU K 25 7.70 6.36 -9.73
C LEU K 25 6.68 6.68 -10.81
N SER K 26 7.13 6.77 -12.07
CA SER K 26 6.24 7.14 -13.17
C SER K 26 5.28 6.02 -13.52
N GLU K 27 5.82 4.81 -13.72
CA GLU K 27 4.98 3.65 -14.00
C GLU K 27 4.01 3.41 -12.86
N THR K 28 4.46 3.58 -11.62
CA THR K 28 3.58 3.36 -10.48
C THR K 28 2.44 4.38 -10.48
N SER K 29 2.76 5.67 -10.62
CA SER K 29 1.73 6.71 -10.64
C SER K 29 0.72 6.46 -11.73
N ALA K 30 1.20 6.20 -12.95
CA ALA K 30 0.31 5.92 -14.07
C ALA K 30 -0.59 4.71 -13.79
N SER K 31 -0.01 3.65 -13.24
CA SER K 31 -0.78 2.45 -12.96
C SER K 31 -1.82 2.70 -11.87
N VAL K 32 -1.45 3.45 -10.83
CA VAL K 32 -2.37 3.64 -9.72
C VAL K 32 -3.50 4.59 -10.13
N LEU K 33 -3.17 5.65 -10.86
CA LEU K 33 -4.15 6.67 -11.18
C LEU K 33 -4.82 6.46 -12.53
N ASP K 34 -4.51 5.35 -13.21
CA ASP K 34 -5.06 5.07 -14.53
C ASP K 34 -4.84 6.26 -15.46
N ALA K 35 -3.66 6.85 -15.37
CA ALA K 35 -3.23 8.00 -16.13
C ALA K 35 -2.21 7.59 -17.19
N PRO K 36 -2.10 8.32 -18.30
CA PRO K 36 -1.11 7.98 -19.32
C PRO K 36 0.31 8.16 -18.80
N LEU K 37 1.12 7.12 -18.96
CA LEU K 37 2.50 7.17 -18.48
C LEU K 37 3.28 8.29 -19.14
N GLN K 38 3.02 8.52 -20.44
CA GLN K 38 3.79 9.51 -21.18
C GLN K 38 3.65 10.91 -20.58
N ALA K 39 2.54 11.18 -19.89
CA ALA K 39 2.31 12.51 -19.34
C ALA K 39 3.02 12.75 -18.01
N THR K 40 3.50 11.70 -17.34
CA THR K 40 4.07 11.87 -16.01
C THR K 40 5.37 12.67 -16.08
N ARG K 41 5.63 13.44 -15.03
CA ARG K 41 6.88 14.18 -14.89
C ARG K 41 7.45 13.93 -13.50
N VAL K 42 8.76 13.67 -13.44
CA VAL K 42 9.47 13.50 -12.18
C VAL K 42 10.65 14.45 -12.14
N MET K 43 10.84 15.12 -11.00
CA MET K 43 11.99 15.97 -10.79
C MET K 43 12.69 15.52 -9.52
N ILE K 44 13.93 15.07 -9.65
CA ILE K 44 14.74 14.71 -8.49
C ILE K 44 15.49 15.94 -8.01
N LYS K 45 15.41 16.22 -6.71
CA LYS K 45 16.17 17.29 -6.07
C LYS K 45 17.25 16.61 -5.23
N ASP K 46 18.49 16.63 -5.72
CA ASP K 46 19.62 16.14 -4.95
C ASP K 46 19.97 17.18 -3.89
N ILE K 47 19.99 16.81 -2.62
CA ILE K 47 20.33 17.72 -1.54
C ILE K 47 21.53 17.20 -0.78
N PRO K 48 22.58 17.99 -0.58
CA PRO K 48 23.72 17.50 0.21
C PRO K 48 23.36 17.22 1.65
N ASN K 49 24.13 16.33 2.27
CA ASN K 49 23.85 15.96 3.65
C ASN K 49 24.10 17.09 4.64
N THR K 50 24.70 18.20 4.20
CA THR K 50 24.87 19.40 5.02
C THR K 50 23.64 20.30 4.97
N ASP K 51 22.72 20.04 4.05
CA ASP K 51 21.56 20.88 3.80
C ASP K 51 20.24 20.23 4.20
N PHE K 52 20.26 19.04 4.78
CA PHE K 52 19.05 18.32 5.13
C PHE K 52 19.11 17.94 6.60
N GLY K 53 18.04 18.22 7.32
CA GLY K 53 17.98 17.93 8.74
C GLY K 53 16.79 17.05 9.08
N ILE K 54 17.01 16.14 10.02
CA ILE K 54 15.95 15.38 10.67
C ILE K 54 16.14 15.55 12.16
N GLY K 55 15.07 15.93 12.86
CA GLY K 55 15.21 16.09 14.31
C GLY K 55 16.21 17.13 14.76
N GLY K 56 16.50 18.13 13.93
CA GLY K 56 17.41 19.19 14.30
C GLY K 56 18.88 18.91 14.04
N GLN K 57 19.22 17.73 13.52
CA GLN K 57 20.59 17.37 13.21
C GLN K 57 20.73 17.19 11.69
N THR K 58 21.88 17.59 11.14
CA THR K 58 22.09 17.38 9.72
C THR K 58 22.23 15.89 9.42
N ALA K 59 21.85 15.51 8.19
CA ALA K 59 22.11 14.14 7.75
C ALA K 59 23.58 13.79 7.86
N ARG K 60 24.48 14.76 7.64
CA ARG K 60 25.90 14.48 7.78
C ARG K 60 26.27 14.14 9.23
N ALA K 61 25.70 14.87 10.19
CA ALA K 61 25.92 14.55 11.59
C ALA K 61 25.29 13.23 11.99
N LEU K 62 24.26 12.79 11.27
CA LEU K 62 23.62 11.52 11.54
C LEU K 62 24.29 10.36 10.81
N GLY K 63 25.35 10.61 10.03
CA GLY K 63 26.02 9.54 9.33
C GLY K 63 25.37 9.26 7.99
N MET L 2 3.50 38.38 -1.58
CA MET L 2 2.82 37.41 -2.43
C MET L 2 2.65 38.00 -3.83
N PRO L 3 2.62 37.17 -4.88
CA PRO L 3 2.84 35.72 -4.91
C PRO L 3 4.29 35.31 -4.84
N VAL L 4 4.50 34.02 -4.59
CA VAL L 4 5.81 33.42 -4.61
C VAL L 4 5.78 32.32 -5.65
N ILE L 5 6.71 32.38 -6.60
CA ILE L 5 6.72 31.43 -7.70
C ILE L 5 8.01 30.64 -7.65
N VAL L 6 7.91 29.31 -7.65
CA VAL L 6 9.05 28.43 -7.75
C VAL L 6 9.07 27.85 -9.15
N ALA L 7 10.14 28.13 -9.89
CA ALA L 7 10.25 27.77 -11.29
C ALA L 7 11.32 26.69 -11.39
N ILE L 8 10.90 25.48 -11.73
CA ILE L 8 11.81 24.35 -11.91
C ILE L 8 12.13 24.24 -13.38
N LEU L 9 13.42 24.39 -13.71
CA LEU L 9 13.92 24.34 -15.08
C LEU L 9 14.91 23.20 -15.24
N ILE L 10 14.98 22.65 -16.44
CA ILE L 10 16.11 21.82 -16.79
C ILE L 10 17.35 22.70 -16.88
N ALA L 11 18.46 22.23 -16.33
CA ALA L 11 19.68 23.02 -16.32
C ALA L 11 20.08 23.38 -17.75
N GLY L 12 20.61 24.58 -17.92
CA GLY L 12 21.08 24.97 -19.24
C GLY L 12 20.63 26.32 -19.73
N ARG L 13 19.62 26.92 -19.10
CA ARG L 13 19.24 28.26 -19.52
C ARG L 13 20.31 29.25 -19.04
N THR L 14 20.48 30.31 -19.82
CA THR L 14 21.51 31.30 -19.53
C THR L 14 21.09 32.19 -18.37
N ASP L 15 22.09 32.89 -17.81
CA ASP L 15 21.81 33.88 -16.77
C ASP L 15 20.89 34.98 -17.28
N GLU L 16 21.11 35.40 -18.53
CA GLU L 16 20.25 36.40 -19.15
C GLU L 16 18.82 35.89 -19.29
N GLN L 17 18.66 34.62 -19.69
CA GLN L 17 17.33 34.03 -19.75
C GLN L 17 16.70 33.97 -18.37
N LYS L 18 17.49 33.62 -17.35
CA LYS L 18 16.95 33.54 -16.00
C LYS L 18 16.51 34.91 -15.48
N ARG L 19 17.30 35.95 -15.77
CA ARG L 19 16.90 37.28 -15.33
C ARG L 19 15.63 37.73 -16.01
N ALA L 20 15.48 37.42 -17.31
CA ALA L 20 14.26 37.79 -18.02
C ALA L 20 13.06 37.04 -17.47
N LEU L 21 13.26 35.76 -17.14
CA LEU L 21 12.18 34.97 -16.56
C LEU L 21 11.73 35.57 -15.24
N ILE L 22 12.67 35.96 -14.39
CA ILE L 22 12.33 36.54 -13.09
C ILE L 22 11.48 37.79 -13.27
N ALA L 23 11.91 38.68 -14.17
CA ALA L 23 11.15 39.91 -14.39
C ALA L 23 9.78 39.60 -14.99
N ALA L 24 9.73 38.72 -15.99
CA ALA L 24 8.46 38.41 -16.65
C ALA L 24 7.47 37.76 -15.69
N LEU L 25 7.92 36.76 -14.93
CA LEU L 25 7.00 36.11 -14.00
C LEU L 25 6.55 37.07 -12.90
N SER L 26 7.46 37.91 -12.42
CA SER L 26 7.10 38.81 -11.34
C SER L 26 6.11 39.86 -11.80
N GLU L 27 6.38 40.49 -12.95
CA GLU L 27 5.54 41.58 -13.42
C GLU L 27 4.16 41.08 -13.84
N THR L 28 4.07 39.92 -14.51
CA THR L 28 2.75 39.49 -14.97
C THR L 28 1.89 39.02 -13.81
N SER L 29 2.45 38.28 -12.86
CA SER L 29 1.64 37.82 -11.72
C SER L 29 1.20 39.00 -10.86
N ALA L 30 2.06 40.02 -10.69
CA ALA L 30 1.63 41.23 -9.99
C ALA L 30 0.54 41.95 -10.76
N SER L 31 0.66 41.95 -12.08
CA SER L 31 -0.32 42.61 -12.95
C SER L 31 -1.65 41.88 -12.94
N VAL L 32 -1.63 40.55 -13.10
CA VAL L 32 -2.88 39.79 -13.19
C VAL L 32 -3.63 39.83 -11.87
N LEU L 33 -2.92 39.80 -10.75
CA LEU L 33 -3.53 39.65 -9.44
C LEU L 33 -3.65 40.95 -8.68
N ASP L 34 -3.26 42.09 -9.28
CA ASP L 34 -3.29 43.40 -8.61
C ASP L 34 -2.51 43.35 -7.29
N ALA L 35 -1.36 42.74 -7.33
CA ALA L 35 -0.47 42.59 -6.20
C ALA L 35 0.73 43.51 -6.36
N PRO L 36 1.24 44.07 -5.27
CA PRO L 36 2.41 44.95 -5.39
C PRO L 36 3.62 44.17 -5.88
N LEU L 37 4.19 44.63 -7.01
CA LEU L 37 5.37 44.01 -7.57
C LEU L 37 6.47 43.83 -6.53
N GLN L 38 6.64 44.82 -5.65
CA GLN L 38 7.74 44.82 -4.67
C GLN L 38 7.71 43.60 -3.78
N ALA L 39 6.53 43.06 -3.50
CA ALA L 39 6.40 41.96 -2.57
C ALA L 39 6.61 40.60 -3.23
N THR L 40 6.66 40.57 -4.56
CA THR L 40 6.70 39.29 -5.25
C THR L 40 8.05 38.60 -5.05
N ARG L 41 8.03 37.27 -5.16
CA ARG L 41 9.25 36.49 -5.05
C ARG L 41 9.25 35.46 -6.15
N VAL L 42 10.43 35.22 -6.73
CA VAL L 42 10.61 34.18 -7.73
C VAL L 42 11.86 33.41 -7.36
N MET L 43 11.78 32.08 -7.40
CA MET L 43 12.96 31.28 -7.11
C MET L 43 13.11 30.20 -8.17
N ILE L 44 14.28 30.15 -8.79
CA ILE L 44 14.54 29.26 -9.90
C ILE L 44 15.36 28.08 -9.38
N LYS L 45 14.91 26.88 -9.65
CA LYS L 45 15.60 25.65 -9.30
C LYS L 45 15.99 24.95 -10.60
N ASP L 46 17.29 24.82 -10.85
CA ASP L 46 17.82 24.08 -12.00
C ASP L 46 17.90 22.60 -11.65
N ILE L 47 17.54 21.75 -12.60
CA ILE L 47 17.53 20.29 -12.45
C ILE L 47 18.42 19.72 -13.53
N PRO L 48 19.45 18.93 -13.20
CA PRO L 48 20.29 18.33 -14.25
C PRO L 48 19.49 17.33 -15.08
N ASN L 49 19.97 17.11 -16.31
CA ASN L 49 19.24 16.24 -17.23
C ASN L 49 19.15 14.81 -16.71
N THR L 50 20.02 14.41 -15.80
CA THR L 50 19.95 13.10 -15.16
C THR L 50 18.85 13.01 -14.12
N ASP L 51 18.26 14.15 -13.73
CA ASP L 51 17.36 14.23 -12.59
C ASP L 51 15.95 14.62 -13.01
N PHE L 52 15.68 14.72 -14.31
CA PHE L 52 14.38 15.11 -14.83
C PHE L 52 13.78 13.96 -15.61
N GLY L 53 12.59 13.52 -15.23
CA GLY L 53 11.90 12.42 -15.89
C GLY L 53 10.76 12.91 -16.75
N ILE L 54 10.74 12.43 -17.99
CA ILE L 54 9.71 12.70 -18.98
C ILE L 54 9.13 11.35 -19.38
N GLY L 55 7.88 11.10 -19.03
CA GLY L 55 7.24 9.83 -19.31
C GLY L 55 8.00 8.62 -18.81
N GLY L 56 8.68 8.75 -17.67
CA GLY L 56 9.45 7.64 -17.13
C GLY L 56 10.87 7.49 -17.66
N GLN L 57 11.33 8.39 -18.52
CA GLN L 57 12.71 8.37 -19.00
C GLN L 57 13.41 9.68 -18.64
N THR L 58 14.72 9.59 -18.41
CA THR L 58 15.46 10.79 -18.03
C THR L 58 15.72 11.65 -19.25
N ALA L 59 15.78 12.96 -19.01
CA ALA L 59 16.03 13.90 -20.09
C ALA L 59 17.39 13.63 -20.75
N ARG L 60 18.37 13.19 -19.96
CA ARG L 60 19.69 12.89 -20.54
C ARG L 60 19.62 11.70 -21.47
N ALA L 61 18.87 10.66 -21.09
CA ALA L 61 18.64 9.55 -22.01
C ALA L 61 17.83 10.00 -23.21
N LEU L 62 16.84 10.88 -22.96
CA LEU L 62 15.91 11.57 -23.87
C LEU L 62 14.46 11.19 -23.52
#